data_3GBX
#
_entry.id   3GBX
#
_cell.length_a   73.955
_cell.length_b   49.734
_cell.length_c   94.736
_cell.angle_alpha   90.000
_cell.angle_beta   110.670
_cell.angle_gamma   90.000
#
_symmetry.space_group_name_H-M   'P 1 21 1'
#
loop_
_entity.id
_entity.type
_entity.pdbx_description
1 polymer 'Serine hydroxymethyltransferase'
2 non-polymer 'ACETATE ION'
3 water water
#
_entity_poly.entity_id   1
_entity_poly.type   'polypeptide(L)'
_entity_poly.pdbx_seq_one_letter_code
;SNA(MSE)LKRE(MSE)NIADYDAELWQA(MSE)EQEKVRQEEHIELIASENYTSPRV(MSE)QAQGSQLTNKYAEGYPG
KRYYGGCEYVDVVEQLAIDRAKELFGADYANVQPHSGSQANFAVYTALLQPGDTVLG(MSE)NLAQGGHLTHGSPVNFSG
KLYNIVPYGIDESGKIDYDE(MSE)AKLAKEHKPK(MSE)IIGGFSAYSGVVDWAK(MSE)REIADSIGAYLFVD(MSE)
AHVAGLIAAGVYPNPVPHAHVVTTTTHKTLAGPRGGLILAKGGDEELYKKLNSAVFPSAQGGPL(MSE)HVIAGKAVALK
EA(MSE)EPEFKVYQQQVAKNAKA(MSE)VEVFLNRGYKVVSGGTENHLFLLDLVDKNLTGKEADAALGRANITVNKNSV
PNDPKSPFVTSGIRIGSPAVTRRGFKEAEVKELAGW(MSE)CDVLDNINDEATIERVKAKVLDICARFPVYA
;
_entity_poly.pdbx_strand_id   A,B
#
loop_
_chem_comp.id
_chem_comp.type
_chem_comp.name
_chem_comp.formula
ACT non-polymer 'ACETATE ION' 'C2 H3 O2 -1'
#
# COMPACT_ATOMS: atom_id res chain seq x y z
N SER A 1 -14.26 19.96 -23.49
CA SER A 1 -13.41 18.80 -23.07
C SER A 1 -12.23 19.29 -22.24
N ASN A 2 -11.47 18.37 -21.70
CA ASN A 2 -10.41 18.67 -20.77
C ASN A 2 -9.48 17.47 -20.71
N ALA A 3 -9.10 16.98 -21.88
CA ALA A 3 -8.37 15.76 -21.99
C ALA A 3 -6.98 15.96 -21.38
N MSE A 4 -6.48 14.92 -20.74
CA MSE A 4 -5.13 14.94 -20.20
C MSE A 4 -4.23 14.23 -21.17
O MSE A 4 -4.33 13.01 -21.35
CB MSE A 4 -5.13 14.34 -18.79
CG MSE A 4 -5.95 15.16 -17.83
SE MSE A 4 -5.77 14.45 -16.00
CE MSE A 4 -7.19 13.15 -16.00
N LEU A 5 -3.40 15.02 -21.86
CA LEU A 5 -2.54 14.50 -22.91
C LEU A 5 -1.23 14.00 -22.33
N LYS A 6 -1.01 12.71 -22.51
CA LYS A 6 0.18 12.06 -21.99
C LYS A 6 1.48 12.67 -22.57
N ARG A 7 1.49 13.12 -23.83
CA ARG A 7 2.72 13.74 -24.39
C ARG A 7 3.04 15.11 -23.78
N GLU A 8 2.02 15.86 -23.39
CA GLU A 8 2.16 17.19 -22.78
CA GLU A 8 2.32 17.15 -22.77
C GLU A 8 2.25 17.10 -21.25
N MSE A 9 1.91 15.93 -20.68
CA MSE A 9 1.82 15.87 -19.21
C MSE A 9 2.81 14.90 -18.65
O MSE A 9 2.49 13.75 -18.40
CB MSE A 9 0.43 15.52 -18.75
CG MSE A 9 -0.59 16.59 -19.15
SE MSE A 9 -2.22 16.51 -18.11
CE MSE A 9 -1.57 16.74 -16.39
N ASN A 10 4.04 15.37 -18.50
CA ASN A 10 5.04 14.53 -17.92
C ASN A 10 5.77 15.29 -16.83
N ILE A 11 6.56 14.55 -16.08
CA ILE A 11 7.18 15.06 -14.87
C ILE A 11 8.33 16.01 -15.24
N ALA A 12 9.14 15.65 -16.24
CA ALA A 12 10.30 16.48 -16.59
C ALA A 12 9.89 17.89 -17.08
N ASP A 13 8.76 18.00 -17.78
CA ASP A 13 8.16 19.27 -18.24
CA ASP A 13 8.27 19.31 -18.24
C ASP A 13 7.66 20.15 -17.10
N TYR A 14 7.29 19.52 -16.01
CA TYR A 14 6.45 20.21 -15.03
C TYR A 14 7.09 20.38 -13.66
N ASP A 15 7.81 19.37 -13.21
CA ASP A 15 8.30 19.29 -11.82
C ASP A 15 9.80 18.93 -11.82
N ALA A 16 10.58 19.95 -12.14
CA ALA A 16 12.03 19.78 -12.26
C ALA A 16 12.68 19.24 -11.01
N GLU A 17 12.30 19.73 -9.83
CA GLU A 17 12.84 19.16 -8.59
C GLU A 17 12.57 17.66 -8.44
N LEU A 18 11.33 17.24 -8.70
CA LEU A 18 11.02 15.82 -8.63
C LEU A 18 11.79 15.02 -9.70
N TRP A 19 11.82 15.54 -10.91
CA TRP A 19 12.54 14.89 -12.01
C TRP A 19 14.03 14.71 -11.72
N GLN A 20 14.70 15.75 -11.24
CA GLN A 20 16.11 15.61 -10.79
C GLN A 20 16.29 14.51 -9.73
N ALA A 21 15.41 14.48 -8.75
CA ALA A 21 15.46 13.44 -7.72
C ALA A 21 15.27 12.02 -8.27
N MSE A 22 14.29 11.88 -9.16
CA MSE A 22 14.08 10.60 -9.85
C MSE A 22 15.26 10.15 -10.72
O MSE A 22 15.64 8.94 -10.71
CB MSE A 22 12.79 10.64 -10.64
CG MSE A 22 11.56 10.69 -9.74
SE MSE A 22 9.92 11.02 -10.77
CE MSE A 22 9.90 9.38 -11.84
N GLU A 23 15.83 11.06 -11.47
CA GLU A 23 17.01 10.75 -12.24
C GLU A 23 18.16 10.28 -11.32
N GLN A 24 18.38 11.00 -10.24
CA GLN A 24 19.45 10.60 -9.28
C GLN A 24 19.19 9.24 -8.61
N GLU A 25 17.93 8.87 -8.44
CA GLU A 25 17.62 7.57 -7.88
C GLU A 25 17.94 6.47 -8.91
N LYS A 26 17.69 6.68 -10.19
CA LYS A 26 18.08 5.71 -11.22
C LYS A 26 19.60 5.55 -11.20
N VAL A 27 20.30 6.67 -11.09
CA VAL A 27 21.76 6.64 -11.05
C VAL A 27 22.23 5.83 -9.82
N ARG A 28 21.63 6.09 -8.67
CA ARG A 28 21.98 5.36 -7.44
C ARG A 28 21.76 3.87 -7.61
N GLN A 29 20.64 3.47 -8.18
CA GLN A 29 20.37 2.04 -8.37
C GLN A 29 21.40 1.41 -9.31
N GLU A 30 21.92 2.19 -10.26
CA GLU A 30 22.92 1.67 -11.21
CA GLU A 30 22.89 1.62 -11.22
C GLU A 30 24.33 1.58 -10.70
N GLU A 31 24.74 2.60 -9.94
CA GLU A 31 26.16 2.71 -9.61
CA GLU A 31 26.14 2.85 -9.54
C GLU A 31 26.49 2.31 -8.15
N HIS A 32 25.50 1.77 -7.47
CA HIS A 32 25.73 1.17 -6.16
C HIS A 32 25.47 -0.31 -6.23
N ILE A 33 26.27 -1.06 -5.46
CA ILE A 33 26.12 -2.50 -5.27
C ILE A 33 25.17 -2.70 -4.09
N GLU A 34 24.02 -3.22 -4.40
CA GLU A 34 22.97 -3.33 -3.40
CA GLU A 34 22.92 -3.35 -3.44
C GLU A 34 22.95 -4.74 -2.82
N LEU A 35 23.32 -4.82 -1.54
CA LEU A 35 23.36 -6.14 -0.83
C LEU A 35 22.37 -6.24 0.33
N ILE A 36 21.47 -5.27 0.46
CA ILE A 36 20.39 -5.40 1.42
C ILE A 36 19.53 -6.57 0.91
N ALA A 37 19.35 -7.57 1.77
CA ALA A 37 18.78 -8.82 1.32
C ALA A 37 17.39 -8.68 0.77
N SER A 38 16.68 -7.61 1.15
CA SER A 38 15.28 -7.40 0.72
C SER A 38 15.16 -6.61 -0.57
N GLU A 39 16.28 -6.16 -1.12
CA GLU A 39 16.28 -5.33 -2.31
CA GLU A 39 16.22 -5.34 -2.30
C GLU A 39 16.26 -6.16 -3.59
N ASN A 40 15.67 -5.59 -4.62
CA ASN A 40 15.66 -6.24 -5.91
C ASN A 40 15.31 -5.21 -6.96
N TYR A 41 15.34 -5.66 -8.20
CA TYR A 41 15.02 -4.81 -9.35
C TYR A 41 13.84 -5.46 -10.06
N THR A 42 12.66 -4.85 -9.98
CA THR A 42 11.47 -5.41 -10.66
C THR A 42 11.50 -5.19 -12.18
N SER A 43 10.75 -6.03 -12.91
CA SER A 43 10.82 -5.95 -14.35
C SER A 43 10.14 -4.72 -14.92
N PRO A 44 10.51 -4.33 -16.15
CA PRO A 44 9.75 -3.23 -16.71
C PRO A 44 8.25 -3.51 -16.90
N ARG A 45 7.86 -4.79 -16.91
CA ARG A 45 6.44 -5.15 -17.05
C ARG A 45 5.68 -4.86 -15.78
N VAL A 46 6.30 -5.20 -14.64
CA VAL A 46 5.74 -4.78 -13.36
C VAL A 46 5.62 -3.26 -13.28
N MSE A 47 6.64 -2.55 -13.69
CA MSE A 47 6.58 -1.09 -13.68
C MSE A 47 5.48 -0.57 -14.62
O MSE A 47 4.77 0.37 -14.26
CB MSE A 47 7.94 -0.50 -14.01
CG MSE A 47 8.94 -0.78 -12.93
SE MSE A 47 10.64 0.09 -13.17
CE MSE A 47 11.41 -0.94 -14.34
N GLN A 48 5.29 -1.22 -15.77
CA GLN A 48 4.26 -0.80 -16.72
C GLN A 48 2.88 -0.96 -16.08
N ALA A 49 2.66 -2.07 -15.38
CA ALA A 49 1.40 -2.30 -14.67
C ALA A 49 1.14 -1.23 -13.60
N GLN A 50 2.18 -0.92 -12.83
CA GLN A 50 2.07 0.08 -11.77
C GLN A 50 1.88 1.49 -12.29
N GLY A 51 2.30 1.75 -13.53
CA GLY A 51 2.11 3.05 -14.21
C GLY A 51 0.82 3.20 -14.99
N SER A 52 -0.08 2.23 -14.84
CA SER A 52 -1.24 2.11 -15.71
C SER A 52 -2.48 2.85 -15.13
N GLN A 53 -3.57 2.90 -15.92
CA GLN A 53 -4.81 3.54 -15.52
C GLN A 53 -5.61 2.74 -14.49
N LEU A 54 -5.14 1.51 -14.14
CA LEU A 54 -5.76 0.75 -13.05
C LEU A 54 -5.69 1.47 -11.71
N THR A 55 -4.78 2.44 -11.58
CA THR A 55 -4.76 3.26 -10.37
C THR A 55 -6.11 3.97 -10.12
N ASN A 56 -6.88 4.17 -11.18
CA ASN A 56 -8.15 4.89 -11.09
C ASN A 56 -9.30 3.97 -10.66
N LYS A 57 -9.06 2.67 -10.56
CA LYS A 57 -10.19 1.76 -10.36
C LYS A 57 -10.47 1.55 -8.90
N TYR A 58 -11.71 1.82 -8.50
CA TYR A 58 -12.24 1.48 -7.17
C TYR A 58 -12.70 0.04 -7.15
N ALA A 59 -12.19 -0.73 -6.20
CA ALA A 59 -12.49 -2.16 -6.12
C ALA A 59 -12.71 -2.60 -4.67
N VAL A 74 -11.53 -5.27 -13.61
CA VAL A 74 -10.98 -5.13 -12.26
C VAL A 74 -10.84 -6.56 -11.76
N ASP A 75 -11.98 -7.27 -11.70
CA ASP A 75 -12.02 -8.56 -11.10
C ASP A 75 -11.15 -9.50 -11.93
N VAL A 76 -11.12 -9.39 -13.25
CA VAL A 76 -10.29 -10.28 -14.04
C VAL A 76 -8.80 -10.15 -13.71
N VAL A 77 -8.37 -8.90 -13.55
CA VAL A 77 -6.98 -8.64 -13.18
C VAL A 77 -6.67 -9.32 -11.86
N GLU A 78 -7.58 -9.15 -10.90
CA GLU A 78 -7.39 -9.75 -9.60
C GLU A 78 -7.41 -11.29 -9.68
N GLN A 79 -8.30 -11.86 -10.48
CA GLN A 79 -8.38 -13.32 -10.54
C GLN A 79 -7.13 -13.90 -11.15
N LEU A 80 -6.47 -13.18 -12.08
CA LEU A 80 -5.22 -13.68 -12.64
C LEU A 80 -4.14 -13.76 -11.56
N ALA A 81 -4.09 -12.75 -10.70
CA ALA A 81 -3.10 -12.72 -9.65
C ALA A 81 -3.36 -13.87 -8.67
N ILE A 82 -4.63 -14.03 -8.27
CA ILE A 82 -5.02 -15.08 -7.36
C ILE A 82 -4.68 -16.45 -7.93
N ASP A 83 -5.02 -16.66 -9.20
CA ASP A 83 -4.82 -17.97 -9.83
C ASP A 83 -3.35 -18.29 -9.98
N ARG A 84 -2.57 -17.28 -10.35
CA ARG A 84 -1.14 -17.46 -10.51
C ARG A 84 -0.45 -17.66 -9.13
N ALA A 85 -0.96 -17.05 -8.07
CA ALA A 85 -0.39 -17.23 -6.73
C ALA A 85 -0.61 -18.65 -6.32
N LYS A 86 -1.83 -19.12 -6.55
CA LYS A 86 -2.13 -20.51 -6.22
C LYS A 86 -1.31 -21.53 -6.99
N GLU A 87 -1.13 -21.33 -8.31
CA GLU A 87 -0.35 -22.24 -9.13
C GLU A 87 1.09 -22.24 -8.68
N LEU A 88 1.67 -21.06 -8.50
CA LEU A 88 3.07 -20.95 -8.12
C LEU A 88 3.43 -21.64 -6.81
N PHE A 89 2.60 -21.47 -5.80
CA PHE A 89 2.91 -21.95 -4.46
C PHE A 89 2.10 -23.17 -4.04
N GLY A 90 1.24 -23.65 -4.92
CA GLY A 90 0.43 -24.81 -4.59
C GLY A 90 -0.53 -24.58 -3.44
N ALA A 91 -1.16 -23.41 -3.41
CA ALA A 91 -2.14 -23.05 -2.40
C ALA A 91 -3.53 -23.29 -2.95
N ASP A 92 -4.46 -23.62 -2.05
CA ASP A 92 -5.87 -23.64 -2.42
C ASP A 92 -6.62 -22.33 -2.10
N TYR A 93 -5.91 -21.36 -1.51
CA TYR A 93 -6.49 -20.08 -1.14
C TYR A 93 -5.44 -19.05 -1.32
N ALA A 94 -5.79 -17.95 -1.96
CA ALA A 94 -4.86 -16.83 -2.05
C ALA A 94 -5.65 -15.55 -1.93
N ASN A 95 -5.05 -14.57 -1.25
CA ASN A 95 -5.66 -13.27 -1.17
C ASN A 95 -4.57 -12.31 -1.58
N VAL A 96 -4.82 -11.58 -2.66
CA VAL A 96 -3.78 -10.70 -3.23
C VAL A 96 -3.99 -9.24 -2.89
N GLN A 97 -4.93 -8.95 -2.00
CA GLN A 97 -5.31 -7.55 -1.71
C GLN A 97 -4.42 -6.77 -0.76
N PRO A 98 -3.72 -7.46 0.18
CA PRO A 98 -3.00 -6.61 1.15
C PRO A 98 -1.97 -5.69 0.50
N HIS A 99 -1.85 -4.47 1.04
CA HIS A 99 -0.95 -3.45 0.51
C HIS A 99 0.51 -3.74 0.83
N SER A 100 0.73 -4.55 1.85
CA SER A 100 2.06 -4.85 2.30
C SER A 100 2.07 -6.20 2.98
N GLY A 101 3.27 -6.70 3.19
CA GLY A 101 3.45 -7.92 3.98
C GLY A 101 3.00 -7.72 5.40
N SER A 102 3.30 -6.56 5.96
CA SER A 102 2.82 -6.26 7.31
C SER A 102 1.31 -6.30 7.44
N GLN A 103 0.61 -5.77 6.45
CA GLN A 103 -0.85 -5.80 6.46
C GLN A 103 -1.36 -7.25 6.32
N ALA A 104 -0.71 -8.05 5.51
CA ALA A 104 -1.05 -9.47 5.39
C ALA A 104 -0.92 -10.13 6.78
N ASN A 105 0.18 -9.86 7.44
CA ASN A 105 0.42 -10.47 8.76
C ASN A 105 -0.63 -10.04 9.77
N PHE A 106 -0.93 -8.74 9.78
CA PHE A 106 -1.91 -8.23 10.71
CA PHE A 106 -1.95 -8.16 10.66
C PHE A 106 -3.31 -8.84 10.48
N ALA A 107 -3.67 -9.12 9.22
CA ALA A 107 -4.92 -9.84 8.92
C ALA A 107 -4.95 -11.21 9.58
N VAL A 108 -3.82 -11.91 9.49
CA VAL A 108 -3.71 -13.22 10.07
C VAL A 108 -3.85 -13.14 11.61
N TYR A 109 -3.16 -12.21 12.23
CA TYR A 109 -3.25 -12.11 13.69
C TYR A 109 -4.68 -11.83 14.14
N THR A 110 -5.34 -10.90 13.45
CA THR A 110 -6.65 -10.47 13.89
C THR A 110 -7.72 -11.51 13.54
N ALA A 111 -7.47 -12.33 12.53
CA ALA A 111 -8.38 -13.42 12.19
C ALA A 111 -8.35 -14.52 13.24
N LEU A 112 -7.18 -14.79 13.78
CA LEU A 112 -6.97 -16.01 14.54
C LEU A 112 -6.66 -15.81 16.02
N LEU A 113 -6.24 -14.62 16.38
CA LEU A 113 -5.82 -14.36 17.77
C LEU A 113 -6.79 -13.42 18.46
N GLN A 114 -6.78 -13.52 19.79
CA GLN A 114 -7.38 -12.57 20.67
C GLN A 114 -6.29 -11.76 21.29
N PRO A 115 -6.59 -10.50 21.60
CA PRO A 115 -5.68 -9.66 22.36
C PRO A 115 -5.15 -10.32 23.62
N GLY A 116 -3.85 -10.19 23.86
CA GLY A 116 -3.23 -10.82 25.02
C GLY A 116 -2.92 -12.31 24.88
N ASP A 117 -3.20 -12.92 23.71
CA ASP A 117 -2.76 -14.31 23.48
C ASP A 117 -1.23 -14.40 23.48
N THR A 118 -0.70 -15.57 23.83
CA THR A 118 0.72 -15.85 23.71
C THR A 118 1.06 -16.37 22.32
N VAL A 119 2.14 -15.85 21.74
CA VAL A 119 2.59 -16.26 20.43
C VAL A 119 4.07 -16.60 20.60
N LEU A 120 4.51 -17.66 19.94
CA LEU A 120 5.92 -18.00 19.93
C LEU A 120 6.46 -17.61 18.57
N GLY A 121 7.48 -16.77 18.60
CA GLY A 121 8.10 -16.26 17.36
C GLY A 121 9.54 -16.66 17.39
N MSE A 122 10.26 -16.39 16.32
CA MSE A 122 11.69 -16.57 16.41
C MSE A 122 12.47 -15.34 16.02
O MSE A 122 12.05 -14.55 15.19
CB MSE A 122 12.20 -17.82 15.70
CG MSE A 122 11.75 -17.97 14.29
SE MSE A 122 11.02 -19.76 14.23
CE MSE A 122 11.48 -20.06 12.34
N ASN A 123 13.58 -15.23 16.72
CA ASN A 123 14.47 -14.08 16.69
CA ASN A 123 14.47 -14.09 16.65
C ASN A 123 15.88 -14.64 16.83
N LEU A 124 16.87 -13.76 16.89
CA LEU A 124 18.22 -14.11 17.30
C LEU A 124 18.22 -14.06 18.82
N ALA A 125 19.01 -14.92 19.47
CA ALA A 125 19.07 -14.98 20.94
C ALA A 125 19.40 -13.62 21.56
N PHE A 138 3.94 -3.42 16.81
CA PHE A 138 2.60 -3.30 17.40
C PHE A 138 2.05 -4.65 17.87
N SER A 139 2.42 -5.69 17.13
CA SER A 139 2.04 -7.06 17.45
C SER A 139 2.59 -7.45 18.83
N GLY A 140 3.80 -6.97 19.14
CA GLY A 140 4.41 -7.12 20.46
C GLY A 140 3.68 -6.42 21.58
N LYS A 141 2.89 -5.41 21.23
CA LYS A 141 2.15 -4.59 22.19
C LYS A 141 0.77 -5.17 22.46
N LEU A 142 0.18 -5.81 21.45
CA LEU A 142 -1.18 -6.36 21.51
C LEU A 142 -1.20 -7.79 22.04
N TYR A 143 -0.14 -8.54 21.72
CA TYR A 143 -0.01 -9.95 22.07
C TYR A 143 1.22 -10.20 22.92
N ASN A 144 1.24 -11.33 23.61
CA ASN A 144 2.40 -11.70 24.41
C ASN A 144 3.37 -12.51 23.57
N ILE A 145 4.39 -11.88 23.00
CA ILE A 145 5.30 -12.58 22.10
C ILE A 145 6.47 -13.18 22.87
N VAL A 146 6.57 -14.50 22.85
CA VAL A 146 7.71 -15.20 23.40
C VAL A 146 8.67 -15.59 22.26
N PRO A 147 9.94 -15.21 22.36
CA PRO A 147 10.83 -15.49 21.23
C PRO A 147 11.59 -16.81 21.36
N TYR A 148 11.68 -17.59 20.29
CA TYR A 148 12.68 -18.63 20.22
C TYR A 148 13.94 -17.99 19.63
N GLY A 149 15.03 -18.01 20.35
CA GLY A 149 16.24 -17.36 19.91
C GLY A 149 17.24 -18.37 19.39
N ILE A 150 17.64 -18.21 18.13
CA ILE A 150 18.75 -18.99 17.57
C ILE A 150 20.06 -18.68 18.33
N ASP A 151 20.80 -19.74 18.67
CA ASP A 151 22.08 -19.70 19.40
CA ASP A 151 22.04 -19.64 19.44
C ASP A 151 23.17 -19.04 18.61
N GLU A 152 24.33 -18.87 19.26
CA GLU A 152 25.60 -18.53 18.60
C GLU A 152 25.95 -19.56 17.51
N SER A 153 25.51 -20.81 17.72
CA SER A 153 25.57 -21.87 16.70
C SER A 153 24.95 -21.43 15.38
N GLY A 154 23.99 -20.53 15.49
CA GLY A 154 23.27 -19.98 14.37
C GLY A 154 22.36 -20.98 13.66
N LYS A 155 22.01 -22.09 14.31
CA LYS A 155 21.15 -23.12 13.70
C LYS A 155 20.00 -23.43 14.62
N ILE A 156 18.80 -23.63 14.05
CA ILE A 156 17.62 -23.89 14.87
C ILE A 156 17.71 -25.23 15.58
N ASP A 157 17.38 -25.28 16.85
CA ASP A 157 17.33 -26.55 17.57
C ASP A 157 15.86 -26.88 17.80
N TYR A 158 15.36 -27.87 17.07
CA TYR A 158 13.92 -28.17 17.09
C TYR A 158 13.45 -28.79 18.39
N ASP A 159 14.32 -29.53 19.08
CA ASP A 159 14.02 -30.03 20.41
C ASP A 159 13.76 -28.92 21.42
N GLU A 160 14.57 -27.87 21.35
CA GLU A 160 14.48 -26.70 22.23
CA GLU A 160 14.44 -26.75 22.28
C GLU A 160 13.23 -25.89 21.92
N MSE A 161 12.97 -25.75 20.62
CA MSE A 161 11.75 -25.10 20.17
CA MSE A 161 11.75 -25.12 20.13
C MSE A 161 10.54 -25.83 20.72
O MSE A 161 9.62 -25.21 21.21
CB MSE A 161 11.66 -25.01 18.64
CB MSE A 161 11.69 -25.20 18.61
CG MSE A 161 10.51 -24.17 18.18
CG MSE A 161 10.37 -24.80 18.01
SE MSE A 161 10.17 -24.27 16.23
SE MSE A 161 10.08 -22.90 18.16
CE MSE A 161 11.73 -23.25 15.69
CE MSE A 161 11.42 -22.31 16.87
N ALA A 162 10.57 -27.16 20.68
CA ALA A 162 9.45 -27.94 21.24
C ALA A 162 9.31 -27.71 22.74
N LYS A 163 10.42 -27.61 23.48
CA LYS A 163 10.33 -27.30 24.91
C LYS A 163 9.75 -25.92 25.19
N LEU A 164 10.12 -24.92 24.39
CA LEU A 164 9.53 -23.57 24.58
C LEU A 164 8.03 -23.59 24.31
N ALA A 165 7.63 -24.26 23.24
CA ALA A 165 6.20 -24.45 22.93
C ALA A 165 5.46 -25.11 24.08
N LYS A 166 6.03 -26.18 24.61
CA LYS A 166 5.42 -26.86 25.76
C LYS A 166 5.37 -26.03 27.00
N GLU A 167 6.37 -25.19 27.19
CA GLU A 167 6.46 -24.37 28.38
C GLU A 167 5.47 -23.22 28.35
N HIS A 168 5.35 -22.58 27.18
CA HIS A 168 4.56 -21.35 27.06
C HIS A 168 3.15 -21.56 26.49
N LYS A 169 2.89 -22.71 25.85
CA LYS A 169 1.57 -23.00 25.32
C LYS A 169 1.02 -21.77 24.53
N PRO A 170 1.77 -21.34 23.52
CA PRO A 170 1.25 -20.26 22.66
C PRO A 170 0.03 -20.72 21.83
N LYS A 171 -0.81 -19.76 21.44
CA LYS A 171 -1.92 -20.00 20.53
C LYS A 171 -1.42 -20.11 19.11
N MSE A 172 -0.26 -19.52 18.83
CA MSE A 172 0.25 -19.46 17.49
C MSE A 172 1.76 -19.53 17.57
O MSE A 172 2.35 -18.90 18.46
CB MSE A 172 -0.17 -18.15 16.83
CG MSE A 172 0.34 -18.01 15.44
SE MSE A 172 -0.24 -16.35 14.66
CE MSE A 172 -1.98 -16.87 14.16
N ILE A 173 2.38 -20.29 16.67
CA ILE A 173 3.83 -20.27 16.48
C ILE A 173 4.02 -19.61 15.13
N ILE A 174 4.86 -18.60 15.09
CA ILE A 174 5.13 -17.85 13.89
C ILE A 174 6.50 -18.22 13.35
N GLY A 175 6.55 -18.75 12.13
CA GLY A 175 7.80 -19.10 11.51
C GLY A 175 8.19 -18.02 10.50
N GLY A 176 9.47 -17.91 10.24
CA GLY A 176 9.97 -16.91 9.32
C GLY A 176 10.83 -16.01 10.15
N PHE A 177 12.05 -15.76 9.68
CA PHE A 177 12.86 -14.77 10.31
C PHE A 177 13.81 -14.13 9.32
N SER A 178 13.91 -12.82 9.42
CA SER A 178 14.65 -11.98 8.49
C SER A 178 16.15 -12.22 8.44
N ALA A 179 16.76 -12.81 9.45
CA ALA A 179 18.20 -12.92 9.41
C ALA A 179 18.73 -14.33 9.60
N TYR A 180 17.99 -15.34 9.12
CA TYR A 180 18.40 -16.74 9.29
C TYR A 180 18.92 -17.29 7.97
N SER A 181 20.12 -17.83 7.98
CA SER A 181 20.76 -18.34 6.79
C SER A 181 20.53 -19.83 6.61
N GLY A 182 19.86 -20.46 7.56
CA GLY A 182 19.54 -21.88 7.48
C GLY A 182 18.22 -22.07 6.74
N VAL A 183 17.86 -23.34 6.56
CA VAL A 183 16.57 -23.70 5.99
C VAL A 183 15.66 -24.11 7.14
N VAL A 184 14.42 -23.60 7.19
CA VAL A 184 13.51 -23.95 8.29
C VAL A 184 12.65 -25.19 7.92
N ASP A 185 12.58 -26.17 8.83
CA ASP A 185 11.77 -27.37 8.63
C ASP A 185 10.31 -27.10 9.05
N TRP A 186 9.55 -26.61 8.11
CA TRP A 186 8.19 -26.22 8.40
C TRP A 186 7.33 -27.41 8.86
N ALA A 187 7.61 -28.60 8.31
CA ALA A 187 6.88 -29.84 8.67
C ALA A 187 7.07 -30.13 10.14
N LYS A 188 8.31 -29.94 10.58
CA LYS A 188 8.63 -30.19 11.99
C LYS A 188 7.97 -29.14 12.87
N MSE A 189 7.89 -27.90 12.38
CA MSE A 189 7.25 -26.81 13.14
CA MSE A 189 7.24 -26.82 13.12
C MSE A 189 5.75 -27.09 13.27
O MSE A 189 5.15 -26.80 14.30
CB MSE A 189 7.47 -25.43 12.50
CB MSE A 189 7.49 -25.47 12.43
CG MSE A 189 8.91 -24.88 12.61
CG MSE A 189 8.95 -25.09 12.34
SE MSE A 189 9.08 -22.97 12.09
SE MSE A 189 9.74 -24.94 14.11
CE MSE A 189 8.30 -22.04 13.62
CE MSE A 189 8.30 -23.94 14.94
N ARG A 190 5.14 -27.66 12.23
CA ARG A 190 3.69 -27.99 12.27
C ARG A 190 3.44 -29.08 13.30
N GLU A 191 4.37 -30.02 13.43
CA GLU A 191 4.23 -31.09 14.42
C GLU A 191 4.28 -30.50 15.84
N ILE A 192 5.19 -29.56 16.02
CA ILE A 192 5.31 -28.91 17.29
C ILE A 192 4.06 -28.08 17.61
N ALA A 193 3.61 -27.29 16.64
CA ALA A 193 2.34 -26.54 16.82
C ALA A 193 1.20 -27.50 17.22
N ASP A 194 1.03 -28.57 16.44
CA ASP A 194 -0.08 -29.54 16.67
C ASP A 194 0.01 -30.18 18.02
N SER A 195 1.23 -30.44 18.47
CA SER A 195 1.43 -31.12 19.73
C SER A 195 0.90 -30.29 20.92
N ILE A 196 0.68 -28.99 20.71
CA ILE A 196 0.09 -28.13 21.76
C ILE A 196 -1.17 -27.41 21.27
N GLY A 197 -1.72 -27.85 20.14
CA GLY A 197 -2.91 -27.24 19.58
C GLY A 197 -2.81 -25.79 19.15
N ALA A 198 -1.62 -25.38 18.69
CA ALA A 198 -1.42 -24.01 18.22
C ALA A 198 -1.55 -23.95 16.72
N TYR A 199 -1.86 -22.78 16.20
CA TYR A 199 -1.71 -22.49 14.76
C TYR A 199 -0.24 -22.35 14.39
N LEU A 200 0.14 -22.82 13.20
CA LEU A 200 1.42 -22.50 12.61
C LEU A 200 1.14 -21.44 11.55
N PHE A 201 1.71 -20.27 11.74
CA PHE A 201 1.70 -19.19 10.73
C PHE A 201 3.10 -18.97 10.22
N VAL A 202 3.30 -19.03 8.91
CA VAL A 202 4.65 -18.78 8.41
C VAL A 202 4.59 -17.53 7.56
N ASP A 203 5.47 -16.60 7.83
CA ASP A 203 5.70 -15.44 6.97
C ASP A 203 6.92 -15.79 6.20
N MSE A 204 6.75 -16.09 4.91
CA MSE A 204 7.82 -16.47 4.03
C MSE A 204 8.39 -15.30 3.21
O MSE A 204 9.11 -15.53 2.26
CB MSE A 204 7.37 -17.62 3.10
CG MSE A 204 6.39 -17.27 2.09
SE MSE A 204 6.15 -18.66 0.74
CE MSE A 204 4.78 -17.72 -0.15
N ALA A 205 8.17 -14.07 3.66
CA ALA A 205 8.58 -12.88 2.89
C ALA A 205 10.07 -12.91 2.54
N HIS A 206 10.89 -13.43 3.45
CA HIS A 206 12.31 -13.36 3.25
C HIS A 206 12.85 -14.40 2.28
N VAL A 207 12.06 -15.39 1.87
CA VAL A 207 12.57 -16.47 1.02
C VAL A 207 11.57 -16.91 -0.10
N ALA A 208 10.48 -16.17 -0.30
CA ALA A 208 9.39 -16.55 -1.22
C ALA A 208 9.83 -16.88 -2.61
N GLY A 209 10.79 -16.10 -3.14
CA GLY A 209 11.24 -16.33 -4.50
C GLY A 209 11.99 -17.61 -4.68
N LEU A 210 12.79 -17.94 -3.65
CA LEU A 210 13.52 -19.20 -3.62
C LEU A 210 12.51 -20.35 -3.54
N ILE A 211 11.48 -20.21 -2.70
CA ILE A 211 10.39 -21.18 -2.63
C ILE A 211 9.65 -21.36 -3.96
N ALA A 212 9.31 -20.26 -4.60
CA ALA A 212 8.69 -20.23 -5.92
C ALA A 212 9.48 -21.01 -6.97
N ALA A 213 10.81 -20.93 -6.91
CA ALA A 213 11.76 -21.65 -7.78
C ALA A 213 12.01 -23.12 -7.39
N GLY A 214 11.53 -23.56 -6.22
CA GLY A 214 11.82 -24.90 -5.74
C GLY A 214 13.19 -25.11 -5.15
N VAL A 215 13.90 -24.04 -4.82
CA VAL A 215 15.25 -24.19 -4.25
C VAL A 215 15.27 -23.99 -2.73
N TYR A 216 14.10 -23.75 -2.15
CA TYR A 216 13.92 -23.70 -0.68
C TYR A 216 12.54 -24.34 -0.39
N PRO A 217 12.41 -25.11 0.71
CA PRO A 217 11.11 -25.77 0.94
C PRO A 217 9.91 -24.84 1.17
N ASN A 218 8.76 -25.26 0.65
CA ASN A 218 7.53 -24.49 0.67
C ASN A 218 6.80 -24.74 2.01
N PRO A 219 6.41 -23.67 2.72
CA PRO A 219 5.63 -23.85 3.95
C PRO A 219 4.14 -24.03 3.73
N VAL A 220 3.65 -23.81 2.50
CA VAL A 220 2.21 -23.88 2.22
C VAL A 220 1.57 -25.24 2.61
N PRO A 221 2.27 -26.37 2.38
CA PRO A 221 1.59 -27.65 2.80
C PRO A 221 1.68 -27.96 4.30
N HIS A 222 2.32 -27.11 5.09
CA HIS A 222 2.60 -27.40 6.49
C HIS A 222 1.97 -26.40 7.45
N ALA A 223 2.01 -25.13 7.10
CA ALA A 223 1.45 -24.10 8.00
C ALA A 223 -0.09 -24.05 7.88
N HIS A 224 -0.78 -23.51 8.88
CA HIS A 224 -2.22 -23.26 8.71
C HIS A 224 -2.46 -22.07 7.76
N VAL A 225 -1.58 -21.08 7.84
CA VAL A 225 -1.67 -19.91 6.91
C VAL A 225 -0.26 -19.41 6.63
N VAL A 226 -0.07 -18.82 5.45
CA VAL A 226 1.24 -18.30 5.03
C VAL A 226 1.05 -16.88 4.49
N THR A 227 1.94 -15.99 4.80
CA THR A 227 1.96 -14.69 4.13
C THR A 227 3.28 -14.46 3.47
N THR A 228 3.30 -13.44 2.60
CA THR A 228 4.53 -13.01 1.99
C THR A 228 4.38 -11.63 1.43
N THR A 229 5.52 -11.01 1.20
CA THR A 229 5.54 -9.83 0.34
C THR A 229 5.74 -10.30 -1.11
N THR A 230 5.44 -9.46 -2.08
CA THR A 230 5.70 -9.78 -3.50
C THR A 230 6.97 -9.15 -4.09
N HIS A 231 7.72 -8.37 -3.32
CA HIS A 231 8.92 -7.71 -3.85
C HIS A 231 9.94 -8.69 -3.21
C HIS A 231 10.43 -8.06 -3.66
N LYS A 232 11.07 -8.20 -2.78
N LYS A 232 10.75 -8.83 -2.67
CA LYS A 232 12.15 -9.08 -2.26
C LYS A 232 12.57 -10.19 -3.23
N THR A 233 12.74 -11.41 -2.77
CA THR A 233 13.24 -12.46 -3.66
C THR A 233 12.24 -12.80 -4.80
N LEU A 234 10.96 -12.48 -4.65
CA LEU A 234 9.99 -12.74 -5.70
C LEU A 234 10.12 -11.70 -6.83
N ALA A 235 10.81 -10.58 -6.55
CA ALA A 235 11.20 -9.59 -7.56
C ALA A 235 10.00 -8.89 -8.18
N GLY A 236 8.89 -8.83 -7.46
CA GLY A 236 7.70 -8.15 -7.94
C GLY A 236 7.51 -6.77 -7.31
N PRO A 237 6.28 -6.25 -7.40
CA PRO A 237 6.00 -4.99 -6.76
C PRO A 237 5.88 -5.15 -5.26
N ARG A 238 6.00 -4.04 -4.56
CA ARG A 238 5.83 -4.01 -3.12
CA ARG A 238 5.82 -4.04 -3.10
C ARG A 238 4.35 -4.28 -2.84
N GLY A 239 4.05 -5.21 -1.94
CA GLY A 239 2.68 -5.59 -1.65
C GLY A 239 2.64 -6.87 -0.86
N GLY A 240 1.44 -7.26 -0.43
CA GLY A 240 1.27 -8.48 0.34
C GLY A 240 0.43 -9.57 -0.36
N LEU A 241 0.50 -10.75 0.24
CA LEU A 241 -0.20 -11.92 -0.23
CA LEU A 241 -0.26 -11.92 -0.20
C LEU A 241 -0.47 -12.81 0.99
N ILE A 242 -1.64 -13.43 1.05
CA ILE A 242 -1.94 -14.46 2.06
C ILE A 242 -2.24 -15.74 1.26
N LEU A 243 -1.68 -16.85 1.70
CA LEU A 243 -1.88 -18.14 1.07
C LEU A 243 -2.23 -19.21 2.10
N ALA A 244 -3.00 -20.20 1.69
CA ALA A 244 -3.28 -21.35 2.57
C ALA A 244 -3.65 -22.61 1.75
N LYS A 245 -3.46 -23.76 2.40
CA LYS A 245 -3.77 -25.04 1.80
C LYS A 245 -4.40 -25.86 2.92
N GLY A 246 -5.43 -26.62 2.58
CA GLY A 246 -6.06 -27.51 3.54
C GLY A 246 -6.92 -26.86 4.61
N GLY A 247 -7.28 -25.60 4.44
CA GLY A 247 -8.06 -24.90 5.43
C GLY A 247 -9.52 -25.15 5.17
N ASP A 248 -10.38 -24.76 6.11
CA ASP A 248 -11.81 -24.82 5.82
C ASP A 248 -12.33 -23.48 5.30
N GLU A 249 -13.51 -23.52 4.68
CA GLU A 249 -14.26 -22.34 4.23
CA GLU A 249 -14.12 -22.30 4.19
C GLU A 249 -14.21 -21.26 5.30
N GLU A 250 -14.42 -21.70 6.55
CA GLU A 250 -14.58 -20.77 7.67
C GLU A 250 -13.32 -19.93 7.93
N LEU A 251 -12.16 -20.58 7.85
CA LEU A 251 -10.88 -19.90 7.99
C LEU A 251 -10.69 -18.90 6.86
N TYR A 252 -10.92 -19.35 5.64
CA TYR A 252 -10.74 -18.52 4.48
C TYR A 252 -11.65 -17.28 4.54
N LYS A 253 -12.86 -17.48 5.06
CA LYS A 253 -13.81 -16.38 5.22
CA LYS A 253 -13.79 -16.36 5.18
C LYS A 253 -13.30 -15.37 6.23
N LYS A 254 -12.80 -15.87 7.35
CA LYS A 254 -12.23 -14.98 8.39
C LYS A 254 -11.03 -14.18 7.85
N LEU A 255 -10.20 -14.83 7.04
CA LEU A 255 -9.01 -14.16 6.51
C LEU A 255 -9.42 -13.05 5.52
N ASN A 256 -10.39 -13.35 4.68
CA ASN A 256 -10.88 -12.38 3.72
C ASN A 256 -11.43 -11.15 4.43
N SER A 257 -12.20 -11.38 5.47
CA SER A 257 -12.81 -10.29 6.20
C SER A 257 -11.77 -9.49 7.02
N ALA A 258 -10.67 -10.11 7.43
CA ALA A 258 -9.66 -9.43 8.25
C ALA A 258 -8.77 -8.48 7.43
N VAL A 259 -8.71 -8.66 6.11
CA VAL A 259 -7.87 -7.79 5.26
C VAL A 259 -8.27 -6.28 5.30
N PHE A 260 -9.46 -5.92 4.88
CA PHE A 260 -9.98 -4.52 5.13
C PHE A 260 -11.29 -4.53 5.95
N GLY A 265 -11.67 1.10 2.13
CA GLY A 265 -10.34 0.49 2.16
C GLY A 265 -10.08 -0.59 1.13
N GLY A 266 -10.03 -0.23 -0.16
CA GLY A 266 -9.84 -1.20 -1.25
C GLY A 266 -8.40 -1.47 -1.71
N PRO A 267 -8.21 -2.44 -2.62
CA PRO A 267 -6.86 -2.81 -3.08
C PRO A 267 -6.31 -1.85 -4.13
N LEU A 268 -5.01 -1.87 -4.30
CA LEU A 268 -4.32 -1.07 -5.34
C LEU A 268 -4.30 -1.90 -6.63
N MSE A 269 -5.26 -1.66 -7.53
CA MSE A 269 -5.42 -2.58 -8.68
C MSE A 269 -4.26 -2.58 -9.66
O MSE A 269 -3.98 -3.60 -10.33
CB MSE A 269 -6.69 -2.30 -9.46
CG MSE A 269 -7.95 -2.68 -8.75
SE MSE A 269 -7.98 -4.57 -8.22
CE MSE A 269 -7.39 -5.30 -9.64
N HIS A 270 -3.60 -1.43 -9.79
CA HIS A 270 -2.36 -1.32 -10.58
C HIS A 270 -1.21 -2.14 -10.00
N VAL A 271 -1.12 -2.16 -8.67
CA VAL A 271 -0.12 -2.99 -7.99
C VAL A 271 -0.51 -4.51 -8.13
N ILE A 272 -1.80 -4.82 -8.06
CA ILE A 272 -2.28 -6.20 -8.25
C ILE A 272 -1.97 -6.66 -9.67
N ALA A 273 -2.13 -5.80 -10.65
CA ALA A 273 -1.65 -6.14 -12.01
C ALA A 273 -0.17 -6.42 -12.00
N GLY A 274 0.59 -5.63 -11.26
CA GLY A 274 2.01 -5.87 -11.04
C GLY A 274 2.28 -7.22 -10.47
N LYS A 275 1.46 -7.61 -9.50
CA LYS A 275 1.58 -8.94 -8.90
C LYS A 275 1.30 -10.03 -9.92
N ALA A 276 0.24 -9.87 -10.71
CA ALA A 276 -0.10 -10.85 -11.72
C ALA A 276 1.09 -11.11 -12.67
N VAL A 277 1.71 -10.06 -13.17
CA VAL A 277 2.76 -10.28 -14.14
C VAL A 277 4.03 -10.83 -13.44
N ALA A 278 4.35 -10.35 -12.25
CA ALA A 278 5.48 -10.90 -11.46
C ALA A 278 5.34 -12.39 -11.17
N LEU A 279 4.13 -12.85 -10.88
CA LEU A 279 3.89 -14.24 -10.55
C LEU A 279 4.01 -15.15 -11.80
N LYS A 280 3.61 -14.64 -12.94
CA LYS A 280 3.85 -15.33 -14.18
C LYS A 280 5.34 -15.37 -14.53
N GLU A 281 6.04 -14.26 -14.35
CA GLU A 281 7.50 -14.23 -14.54
C GLU A 281 8.22 -15.27 -13.67
N ALA A 282 7.66 -15.50 -12.49
CA ALA A 282 8.25 -16.42 -11.52
C ALA A 282 8.14 -17.87 -11.92
N MSE A 283 7.28 -18.17 -12.91
CA MSE A 283 7.09 -19.48 -13.49
C MSE A 283 7.97 -19.77 -14.71
O MSE A 283 7.99 -20.90 -15.19
CB MSE A 283 5.60 -19.67 -13.84
CG MSE A 283 4.79 -19.76 -12.60
SE MSE A 283 2.98 -20.35 -12.98
CE MSE A 283 2.16 -18.65 -12.86
N GLU A 284 8.74 -18.78 -15.15
CA GLU A 284 9.65 -18.94 -16.23
C GLU A 284 10.89 -19.75 -15.81
N PRO A 285 11.38 -20.61 -16.72
CA PRO A 285 12.65 -21.28 -16.43
C PRO A 285 13.78 -20.31 -16.05
N GLU A 286 13.87 -19.14 -16.70
CA GLU A 286 14.87 -18.11 -16.37
C GLU A 286 14.82 -17.73 -14.89
N PHE A 287 13.62 -17.71 -14.31
CA PHE A 287 13.49 -17.38 -12.87
C PHE A 287 14.07 -18.46 -12.00
N LYS A 288 13.90 -19.74 -12.36
CA LYS A 288 14.49 -20.85 -11.60
C LYS A 288 16.00 -20.78 -11.67
N VAL A 289 16.52 -20.56 -12.88
CA VAL A 289 17.96 -20.36 -13.07
C VAL A 289 18.48 -19.18 -12.22
N TYR A 290 17.75 -18.06 -12.25
CA TYR A 290 18.07 -16.90 -11.43
C TYR A 290 18.16 -17.25 -9.96
N GLN A 291 17.16 -17.94 -9.43
CA GLN A 291 17.20 -18.28 -8.01
C GLN A 291 18.34 -19.28 -7.67
N GLN A 292 18.60 -20.22 -8.56
CA GLN A 292 19.74 -21.08 -8.37
C GLN A 292 21.02 -20.25 -8.30
N GLN A 293 21.11 -19.18 -9.09
CA GLN A 293 22.27 -18.35 -9.10
C GLN A 293 22.36 -17.54 -7.84
N VAL A 294 21.19 -17.08 -7.34
CA VAL A 294 21.12 -16.34 -6.09
C VAL A 294 21.79 -17.15 -4.99
N ALA A 295 21.42 -18.43 -4.92
CA ALA A 295 21.92 -19.34 -3.88
C ALA A 295 23.40 -19.65 -4.05
N LYS A 296 23.85 -19.88 -5.28
CA LYS A 296 25.27 -20.06 -5.51
C LYS A 296 26.09 -18.83 -5.12
N ASN A 297 25.58 -17.65 -5.46
CA ASN A 297 26.25 -16.43 -5.22
C ASN A 297 26.45 -16.16 -3.74
N ALA A 298 25.40 -16.41 -2.97
CA ALA A 298 25.48 -16.18 -1.53
C ALA A 298 26.53 -17.16 -0.96
N LYS A 299 26.52 -18.41 -1.40
CA LYS A 299 27.53 -19.36 -0.95
C LYS A 299 28.96 -18.94 -1.30
N ALA A 300 29.15 -18.41 -2.49
CA ALA A 300 30.45 -17.98 -2.98
C ALA A 300 30.96 -16.80 -2.15
N MSE A 301 30.05 -15.89 -1.78
CA MSE A 301 30.42 -14.76 -0.94
C MSE A 301 30.85 -15.25 0.43
O MSE A 301 31.87 -14.79 0.94
CB MSE A 301 29.31 -13.71 -0.82
CG MSE A 301 28.98 -13.06 -2.12
SE MSE A 301 27.76 -11.56 -1.92
CE MSE A 301 28.98 -10.21 -1.30
N VAL A 302 30.07 -16.17 1.01
CA VAL A 302 30.45 -16.79 2.33
C VAL A 302 31.85 -17.36 2.29
N GLU A 303 32.15 -18.13 1.26
CA GLU A 303 33.50 -18.70 1.09
CA GLU A 303 33.49 -18.70 1.10
C GLU A 303 34.58 -17.64 1.22
N VAL A 304 34.44 -16.51 0.52
CA VAL A 304 35.45 -15.46 0.57
C VAL A 304 35.57 -14.89 1.96
N PHE A 305 34.44 -14.57 2.58
CA PHE A 305 34.51 -13.99 3.93
C PHE A 305 35.25 -14.92 4.87
N LEU A 306 34.93 -16.21 4.80
CA LEU A 306 35.62 -17.19 5.64
C LEU A 306 37.12 -17.26 5.31
N ASN A 307 37.43 -17.24 4.02
CA ASN A 307 38.81 -17.32 3.53
C ASN A 307 39.64 -16.07 3.87
N ARG A 308 38.95 -15.00 4.24
CA ARG A 308 39.62 -13.76 4.62
C ARG A 308 39.58 -13.52 6.12
N GLY A 309 39.11 -14.51 6.86
CA GLY A 309 39.20 -14.45 8.33
C GLY A 309 38.01 -13.84 9.04
N TYR A 310 36.86 -13.74 8.36
CA TYR A 310 35.63 -13.22 8.96
C TYR A 310 34.74 -14.40 9.42
N LYS A 311 33.93 -14.15 10.44
CA LYS A 311 33.02 -15.18 10.93
C LYS A 311 31.65 -14.96 10.32
N VAL A 312 31.04 -16.04 9.88
CA VAL A 312 29.66 -16.01 9.31
C VAL A 312 28.79 -16.80 10.27
N VAL A 313 27.69 -16.21 10.70
CA VAL A 313 26.80 -16.88 11.63
C VAL A 313 26.36 -18.21 11.02
N SER A 314 26.49 -19.28 11.81
CA SER A 314 26.25 -20.67 11.36
CA SER A 314 26.26 -20.67 11.38
C SER A 314 27.38 -21.24 10.50
N GLY A 315 28.36 -20.41 10.13
CA GLY A 315 29.47 -20.86 9.33
C GLY A 315 29.15 -21.08 7.86
N GLY A 316 27.97 -20.66 7.44
CA GLY A 316 27.56 -20.90 6.07
C GLY A 316 26.19 -20.28 5.78
N THR A 317 25.67 -20.53 4.58
CA THR A 317 24.31 -20.20 4.25
C THR A 317 23.71 -21.28 3.43
N GLU A 318 22.40 -21.43 3.56
CA GLU A 318 21.68 -22.32 2.70
C GLU A 318 20.58 -21.59 1.95
N ASN A 319 20.66 -20.26 1.89
CA ASN A 319 19.68 -19.47 1.18
C ASN A 319 20.39 -18.30 0.48
N HIS A 320 19.75 -17.14 0.39
CA HIS A 320 20.28 -15.96 -0.33
C HIS A 320 21.06 -14.99 0.57
N LEU A 321 21.09 -15.24 1.87
CA LEU A 321 21.66 -14.24 2.76
C LEU A 321 22.55 -14.83 3.80
N PHE A 322 23.29 -13.97 4.47
CA PHE A 322 24.04 -14.38 5.63
C PHE A 322 24.37 -13.19 6.48
N LEU A 323 24.81 -13.50 7.71
CA LEU A 323 25.18 -12.50 8.69
C LEU A 323 26.67 -12.61 8.98
N LEU A 324 27.41 -11.51 8.84
CA LEU A 324 28.82 -11.46 9.22
C LEU A 324 28.87 -11.08 10.67
N ASP A 325 29.50 -11.89 11.50
CA ASP A 325 29.63 -11.60 12.92
C ASP A 325 31.00 -10.90 13.14
N LEU A 326 30.94 -9.62 13.46
CA LEU A 326 32.12 -8.76 13.59
C LEU A 326 32.64 -8.61 15.05
N VAL A 327 32.09 -9.41 15.96
CA VAL A 327 32.51 -9.33 17.37
C VAL A 327 34.04 -9.52 17.48
N ASP A 328 34.64 -10.47 16.77
CA ASP A 328 36.08 -10.71 16.97
C ASP A 328 36.95 -9.65 16.33
N LYS A 329 36.34 -8.85 15.46
CA LYS A 329 37.03 -7.72 14.85
C LYS A 329 36.91 -6.45 15.66
N ASN A 330 36.15 -6.45 16.75
CA ASN A 330 35.81 -5.23 17.50
C ASN A 330 35.26 -4.12 16.59
N LEU A 331 34.45 -4.49 15.59
CA LEU A 331 33.75 -3.49 14.75
C LEU A 331 32.30 -3.56 15.09
N THR A 332 31.58 -2.46 14.90
CA THR A 332 30.12 -2.52 15.02
C THR A 332 29.52 -2.72 13.65
N GLY A 333 28.29 -3.21 13.60
CA GLY A 333 27.59 -3.28 12.32
C GLY A 333 27.33 -1.91 11.72
N LYS A 334 27.04 -0.94 12.58
CA LYS A 334 26.80 0.42 12.11
C LYS A 334 28.04 1.00 11.45
N GLU A 335 29.20 0.77 12.07
CA GLU A 335 30.55 1.15 11.55
CA GLU A 335 30.50 1.22 11.55
C GLU A 335 30.76 0.56 10.19
N ALA A 336 30.57 -0.75 10.14
CA ALA A 336 30.82 -1.49 8.92
C ALA A 336 29.95 -1.00 7.77
N ASP A 337 28.69 -0.71 8.10
CA ASP A 337 27.68 -0.30 7.14
C ASP A 337 28.03 1.09 6.55
N ALA A 338 28.42 2.02 7.42
CA ALA A 338 28.79 3.34 6.97
C ALA A 338 30.03 3.29 6.07
N ALA A 339 31.05 2.51 6.46
CA ALA A 339 32.28 2.44 5.69
C ALA A 339 32.04 1.88 4.32
N LEU A 340 31.29 0.78 4.28
CA LEU A 340 30.95 0.13 3.01
C LEU A 340 30.14 1.05 2.09
N GLY A 341 29.22 1.80 2.69
CA GLY A 341 28.44 2.77 1.97
C GLY A 341 29.25 3.84 1.29
N ARG A 342 30.33 4.26 1.91
CA ARG A 342 31.26 5.23 1.34
C ARG A 342 31.96 4.69 0.09
N ALA A 343 32.05 3.36 -0.01
CA ALA A 343 32.57 2.67 -1.19
C ALA A 343 31.45 2.18 -2.15
N ASN A 344 30.24 2.72 -2.00
CA ASN A 344 29.08 2.43 -2.90
C ASN A 344 28.58 0.96 -2.76
N ILE A 345 28.80 0.40 -1.56
CA ILE A 345 28.30 -0.93 -1.21
C ILE A 345 27.27 -0.80 -0.10
N THR A 346 26.03 -1.18 -0.38
CA THR A 346 24.94 -1.05 0.55
C THR A 346 24.64 -2.38 1.30
N VAL A 347 24.76 -2.36 2.61
CA VAL A 347 24.36 -3.47 3.47
C VAL A 347 23.52 -2.91 4.59
N ASN A 348 23.00 -3.75 5.47
CA ASN A 348 22.38 -3.27 6.69
C ASN A 348 23.00 -3.92 7.93
N LYS A 349 23.02 -3.17 9.02
CA LYS A 349 23.47 -3.74 10.27
C LYS A 349 22.46 -4.73 10.76
N ASN A 350 22.93 -5.65 11.60
CA ASN A 350 22.06 -6.66 12.16
C ASN A 350 22.76 -7.20 13.40
N SER A 351 21.97 -7.45 14.44
CA SER A 351 22.47 -8.08 15.64
C SER A 351 22.84 -9.53 15.33
N VAL A 352 23.80 -10.03 16.11
CA VAL A 352 24.21 -11.41 16.05
C VAL A 352 23.66 -12.13 17.26
N PRO A 353 23.66 -13.47 17.25
CA PRO A 353 23.15 -14.12 18.45
C PRO A 353 23.93 -13.70 19.71
N ASN A 354 23.19 -13.37 20.77
CA ASN A 354 23.74 -12.84 22.01
C ASN A 354 24.70 -11.70 21.77
N ASP A 355 24.24 -10.75 20.96
CA ASP A 355 25.09 -9.65 20.59
C ASP A 355 25.50 -8.90 21.84
N PRO A 356 26.80 -8.63 22.00
CA PRO A 356 27.25 -7.84 23.12
C PRO A 356 26.96 -6.35 22.97
N LYS A 357 26.57 -5.90 21.79
CA LYS A 357 26.21 -4.49 21.53
C LYS A 357 24.70 -4.28 21.42
N SER A 358 24.27 -3.06 21.67
CA SER A 358 22.85 -2.69 21.57
C SER A 358 22.31 -2.81 20.13
N PRO A 359 20.99 -2.94 19.99
CA PRO A 359 20.40 -3.08 18.69
C PRO A 359 20.55 -1.86 17.80
N PHE A 360 20.81 -0.68 18.40
CA PHE A 360 21.04 0.52 17.58
C PHE A 360 22.41 0.52 16.93
N VAL A 361 23.29 -0.37 17.40
CA VAL A 361 24.68 -0.42 16.98
C VAL A 361 25.03 -1.76 16.32
N THR A 362 24.80 -2.84 17.06
CA THR A 362 24.97 -4.24 16.60
C THR A 362 26.43 -4.61 16.32
N SER A 363 26.66 -5.92 16.27
CA SER A 363 27.99 -6.44 15.91
C SER A 363 28.02 -7.20 14.62
N GLY A 364 27.04 -6.95 13.74
CA GLY A 364 26.93 -7.71 12.53
C GLY A 364 26.42 -6.89 11.36
N ILE A 365 26.66 -7.41 10.16
CA ILE A 365 25.94 -6.93 8.98
C ILE A 365 25.31 -8.10 8.25
N ARG A 366 24.17 -7.82 7.63
CA ARG A 366 23.44 -8.81 6.86
C ARG A 366 23.58 -8.50 5.37
N ILE A 367 23.97 -9.52 4.65
CA ILE A 367 24.30 -9.42 3.23
C ILE A 367 23.43 -10.40 2.46
N GLY A 368 22.83 -9.98 1.35
CA GLY A 368 22.15 -10.93 0.49
C GLY A 368 22.37 -10.70 -0.98
N SER A 369 22.29 -11.78 -1.73
CA SER A 369 22.63 -11.77 -3.16
C SER A 369 21.53 -11.47 -4.19
N PRO A 370 20.27 -11.33 -3.80
CA PRO A 370 19.25 -11.22 -4.88
C PRO A 370 19.42 -10.11 -5.88
N ALA A 371 19.72 -8.90 -5.39
CA ALA A 371 19.85 -7.76 -6.32
C ALA A 371 21.05 -7.83 -7.23
N VAL A 372 22.23 -8.12 -6.68
CA VAL A 372 23.40 -8.25 -7.52
C VAL A 372 23.22 -9.38 -8.52
N THR A 373 22.54 -10.45 -8.12
CA THR A 373 22.30 -11.56 -9.05
C THR A 373 21.36 -11.16 -10.19
N ARG A 374 20.35 -10.39 -9.82
CA ARG A 374 19.34 -9.93 -10.75
C ARG A 374 19.96 -9.10 -11.88
N ARG A 375 21.03 -8.35 -11.55
CA ARG A 375 21.70 -7.51 -12.54
C ARG A 375 22.83 -8.24 -13.26
N GLY A 376 23.01 -9.54 -13.02
CA GLY A 376 23.92 -10.32 -13.84
C GLY A 376 25.23 -10.76 -13.18
N PHE A 377 25.44 -10.42 -11.92
CA PHE A 377 26.66 -10.83 -11.19
C PHE A 377 26.58 -12.32 -10.99
N LYS A 378 27.68 -13.02 -11.28
CA LYS A 378 27.79 -14.43 -10.95
C LYS A 378 28.93 -14.65 -9.96
N GLU A 379 29.40 -15.88 -9.79
CA GLU A 379 30.28 -16.18 -8.65
C GLU A 379 31.55 -15.36 -8.67
N ALA A 380 32.16 -15.20 -9.84
CA ALA A 380 33.39 -14.42 -9.93
C ALA A 380 33.22 -13.00 -9.43
N GLU A 381 32.10 -12.37 -9.78
CA GLU A 381 31.88 -10.96 -9.40
C GLU A 381 31.60 -10.83 -7.93
N VAL A 382 30.80 -11.74 -7.38
CA VAL A 382 30.45 -11.61 -5.99
C VAL A 382 31.64 -11.97 -5.12
N LYS A 383 32.53 -12.81 -5.61
CA LYS A 383 33.73 -13.20 -4.88
C LYS A 383 34.70 -12.02 -4.85
N GLU A 384 34.85 -11.35 -5.99
CA GLU A 384 35.68 -10.14 -6.07
CA GLU A 384 35.66 -10.16 -6.09
C GLU A 384 35.11 -9.09 -5.13
N LEU A 385 33.81 -8.87 -5.18
CA LEU A 385 33.13 -7.93 -4.28
C LEU A 385 33.36 -8.22 -2.79
N ALA A 386 33.16 -9.48 -2.40
CA ALA A 386 33.41 -9.86 -1.01
C ALA A 386 34.84 -9.54 -0.63
N GLY A 387 35.77 -9.77 -1.55
CA GLY A 387 37.16 -9.46 -1.23
C GLY A 387 37.36 -7.97 -0.95
N TRP A 388 36.75 -7.13 -1.78
CA TRP A 388 36.81 -5.67 -1.56
C TRP A 388 36.20 -5.26 -0.22
N MSE A 389 35.12 -5.92 0.16
CA MSE A 389 34.45 -5.62 1.41
C MSE A 389 35.38 -5.95 2.58
O MSE A 389 35.44 -5.20 3.57
CB MSE A 389 33.10 -6.38 1.51
CG MSE A 389 32.04 -5.92 0.45
SE MSE A 389 30.55 -7.11 0.33
CE MSE A 389 29.77 -6.50 1.93
N CYS A 390 36.08 -7.06 2.45
CA CYS A 390 37.08 -7.45 3.44
C CYS A 390 38.23 -6.42 3.46
N ASP A 391 38.64 -5.92 2.31
CA ASP A 391 39.68 -4.86 2.30
C ASP A 391 39.21 -3.62 3.09
N VAL A 392 37.93 -3.26 2.92
CA VAL A 392 37.36 -2.12 3.64
C VAL A 392 37.34 -2.42 5.13
N LEU A 393 36.81 -3.57 5.50
CA LEU A 393 36.64 -3.89 6.91
C LEU A 393 37.96 -4.09 7.67
N ASP A 394 38.98 -4.59 6.96
CA ASP A 394 40.37 -4.69 7.42
C ASP A 394 41.02 -3.32 7.65
N ASN A 395 40.50 -2.31 6.98
CA ASN A 395 41.10 -0.97 6.97
C ASN A 395 40.06 0.09 7.05
N ILE A 396 39.26 0.04 8.08
CA ILE A 396 37.98 0.77 8.08
C ILE A 396 38.07 2.32 8.11
N ASN A 397 39.20 2.88 8.55
CA ASN A 397 39.43 4.35 8.47
C ASN A 397 40.61 4.70 7.56
N ASP A 398 40.83 3.90 6.52
CA ASP A 398 41.81 4.24 5.48
C ASP A 398 41.08 4.73 4.24
N GLU A 399 41.11 6.04 4.06
CA GLU A 399 40.44 6.71 2.94
C GLU A 399 40.84 6.14 1.58
N ALA A 400 42.11 5.77 1.44
CA ALA A 400 42.62 5.31 0.13
C ALA A 400 42.01 3.98 -0.24
N THR A 401 41.85 3.08 0.71
CA THR A 401 41.17 1.79 0.46
C THR A 401 39.73 2.00 0.04
N ILE A 402 39.02 2.81 0.80
CA ILE A 402 37.67 3.17 0.47
C ILE A 402 37.52 3.77 -0.94
N GLU A 403 38.40 4.70 -1.30
CA GLU A 403 38.39 5.29 -2.66
C GLU A 403 38.71 4.27 -3.75
N ARG A 404 39.68 3.38 -3.47
CA ARG A 404 40.05 2.34 -4.43
C ARG A 404 38.91 1.37 -4.71
N VAL A 405 38.26 0.96 -3.64
CA VAL A 405 37.15 0.03 -3.74
C VAL A 405 35.97 0.73 -4.43
N LYS A 406 35.68 1.98 -4.09
CA LYS A 406 34.60 2.72 -4.77
C LYS A 406 34.81 2.70 -6.28
N ALA A 407 36.03 2.94 -6.73
CA ALA A 407 36.30 2.92 -8.14
C ALA A 407 36.04 1.57 -8.78
N LYS A 408 36.41 0.52 -8.09
CA LYS A 408 36.20 -0.83 -8.62
C LYS A 408 34.73 -1.14 -8.67
N VAL A 409 33.98 -0.68 -7.65
CA VAL A 409 32.53 -0.90 -7.61
C VAL A 409 31.88 -0.24 -8.82
N LEU A 410 32.30 0.99 -9.10
CA LEU A 410 31.74 1.76 -10.25
C LEU A 410 32.05 1.08 -11.58
N ASP A 411 33.25 0.56 -11.72
CA ASP A 411 33.60 -0.20 -12.92
CA ASP A 411 33.63 -0.22 -12.89
C ASP A 411 32.76 -1.49 -13.09
N ILE A 412 32.59 -2.25 -12.01
CA ILE A 412 31.79 -3.46 -12.07
CA ILE A 412 31.82 -3.46 -12.14
C ILE A 412 30.34 -3.16 -12.41
N CYS A 413 29.82 -2.10 -11.79
CA CYS A 413 28.44 -1.64 -12.08
C CYS A 413 28.28 -1.30 -13.57
N ALA A 414 29.27 -0.62 -14.14
CA ALA A 414 29.23 -0.34 -15.58
C ALA A 414 29.26 -1.59 -16.46
N ARG A 415 29.98 -2.63 -16.03
CA ARG A 415 30.04 -3.88 -16.79
C ARG A 415 28.74 -4.70 -16.68
N PHE A 416 28.00 -4.48 -15.61
CA PHE A 416 26.76 -5.20 -15.32
C PHE A 416 25.59 -4.24 -15.08
N PRO A 417 25.12 -3.59 -16.15
CA PRO A 417 24.01 -2.67 -15.98
C PRO A 417 22.71 -3.39 -15.66
N VAL A 418 21.83 -2.67 -14.98
CA VAL A 418 20.61 -3.25 -14.49
C VAL A 418 19.55 -3.40 -15.58
N TYR A 419 18.99 -2.28 -16.05
CA TYR A 419 17.94 -2.36 -17.03
C TYR A 419 18.55 -2.24 -18.43
N ALA A 420 19.05 -3.38 -18.86
CA ALA A 420 19.66 -3.58 -20.17
C ALA A 420 19.60 -5.06 -20.54
N SER B 1 23.67 -8.85 -20.38
CA SER B 1 22.26 -8.41 -20.58
C SER B 1 21.38 -9.24 -19.67
N ASN B 2 20.37 -8.62 -19.09
CA ASN B 2 19.43 -9.31 -18.19
C ASN B 2 18.11 -9.46 -18.91
N ALA B 3 17.86 -10.68 -19.40
CA ALA B 3 16.71 -10.92 -20.27
C ALA B 3 15.36 -10.43 -19.71
N MSE B 4 15.15 -10.58 -18.41
N MSE B 4 15.14 -10.61 -18.42
CA MSE B 4 13.86 -10.18 -17.79
CA MSE B 4 13.86 -10.21 -17.83
C MSE B 4 13.74 -8.66 -17.60
C MSE B 4 13.84 -8.76 -17.31
O MSE B 4 12.63 -8.15 -17.50
O MSE B 4 12.91 -8.39 -16.61
CB MSE B 4 13.65 -10.89 -16.46
CB MSE B 4 13.45 -11.20 -16.72
CG MSE B 4 12.17 -10.94 -16.01
CG MSE B 4 13.26 -12.68 -17.16
SE MSE B 4 11.12 -12.46 -16.72
SE MSE B 4 12.09 -13.05 -18.74
CE MSE B 4 11.18 -12.18 -18.67
CE MSE B 4 10.28 -12.85 -18.03
N LEU B 5 14.87 -7.95 -17.62
CA LEU B 5 14.92 -6.50 -17.32
C LEU B 5 15.00 -5.58 -18.56
N LYS B 6 15.34 -6.11 -19.73
CA LYS B 6 15.39 -5.28 -20.93
C LYS B 6 13.98 -4.87 -21.34
N ARG B 7 13.83 -3.66 -21.89
CA ARG B 7 12.49 -3.08 -22.11
C ARG B 7 11.69 -3.57 -23.34
N GLU B 8 12.39 -4.32 -24.22
CA GLU B 8 11.82 -4.96 -25.43
C GLU B 8 10.41 -5.55 -25.33
N MSE B 9 10.24 -6.45 -24.38
CA MSE B 9 9.03 -7.20 -24.25
CA MSE B 9 9.00 -7.22 -24.25
C MSE B 9 8.08 -6.53 -23.21
O MSE B 9 8.35 -6.55 -22.02
CB MSE B 9 9.41 -8.61 -23.83
CB MSE B 9 9.33 -8.69 -23.87
CG MSE B 9 8.28 -9.55 -23.68
CG MSE B 9 8.15 -9.70 -23.86
SE MSE B 9 9.03 -11.30 -23.41
SE MSE B 9 7.93 -10.88 -25.47
CE MSE B 9 8.34 -12.23 -25.01
CE MSE B 9 7.16 -12.48 -24.68
N ASN B 10 7.02 -5.90 -23.69
CA ASN B 10 6.06 -5.24 -22.80
C ASN B 10 4.93 -6.19 -22.38
N ILE B 11 3.93 -5.69 -21.64
CA ILE B 11 2.90 -6.60 -21.10
C ILE B 11 2.09 -7.21 -22.29
N ALA B 12 1.79 -6.41 -23.31
CA ALA B 12 1.02 -6.94 -24.43
C ALA B 12 1.75 -8.12 -25.07
N ASP B 13 3.06 -8.03 -25.22
CA ASP B 13 3.91 -9.08 -25.83
C ASP B 13 4.01 -10.28 -24.94
N TYR B 14 4.03 -10.06 -23.64
CA TYR B 14 4.39 -11.12 -22.70
C TYR B 14 3.19 -11.86 -22.10
N ASP B 15 2.10 -11.13 -21.88
CA ASP B 15 0.98 -11.56 -21.01
C ASP B 15 -0.29 -10.98 -21.58
N ALA B 16 -0.72 -11.58 -22.70
CA ALA B 16 -1.82 -11.02 -23.45
C ALA B 16 -3.08 -11.04 -22.61
N GLU B 17 -3.21 -12.07 -21.77
CA GLU B 17 -4.34 -12.27 -20.85
CA GLU B 17 -4.42 -12.15 -20.96
C GLU B 17 -4.50 -11.02 -19.95
N LEU B 18 -3.37 -10.68 -19.32
CA LEU B 18 -3.39 -9.56 -18.43
C LEU B 18 -3.65 -8.29 -19.22
N TRP B 19 -2.95 -8.11 -20.32
CA TRP B 19 -3.08 -6.90 -21.12
C TRP B 19 -4.52 -6.64 -21.55
N GLN B 20 -5.23 -7.68 -22.00
CA GLN B 20 -6.62 -7.54 -22.43
CA GLN B 20 -6.58 -7.47 -22.45
C GLN B 20 -7.49 -7.03 -21.28
N ALA B 21 -7.27 -7.57 -20.09
CA ALA B 21 -8.05 -7.14 -18.92
C ALA B 21 -7.72 -5.69 -18.50
N MSE B 22 -6.46 -5.30 -18.57
CA MSE B 22 -6.07 -3.94 -18.33
C MSE B 22 -6.68 -2.97 -19.34
O MSE B 22 -7.16 -1.86 -19.01
CB MSE B 22 -4.55 -3.78 -18.38
CG MSE B 22 -3.89 -4.50 -17.28
SE MSE B 22 -1.97 -4.49 -17.40
CE MSE B 22 -1.69 -2.59 -17.65
N GLU B 23 -6.64 -3.34 -20.61
CA GLU B 23 -7.12 -2.41 -21.61
C GLU B 23 -8.64 -2.31 -21.65
N GLN B 24 -9.36 -3.35 -21.18
CA GLN B 24 -10.82 -3.26 -21.01
CA GLN B 24 -10.81 -3.20 -21.08
C GLN B 24 -11.16 -2.20 -19.97
N GLU B 25 -10.35 -2.16 -18.93
CA GLU B 25 -10.60 -1.19 -17.85
C GLU B 25 -10.38 0.23 -18.36
N LYS B 26 -9.35 0.41 -19.17
CA LYS B 26 -9.05 1.68 -19.80
C LYS B 26 -10.25 2.16 -20.62
N VAL B 27 -10.81 1.27 -21.44
CA VAL B 27 -11.91 1.63 -22.31
C VAL B 27 -13.17 1.90 -21.44
N ARG B 28 -13.37 1.10 -20.39
CA ARG B 28 -14.47 1.31 -19.45
C ARG B 28 -14.42 2.71 -18.82
N GLN B 29 -13.21 3.18 -18.47
CA GLN B 29 -13.07 4.52 -17.88
C GLN B 29 -13.48 5.60 -18.88
N GLU B 30 -13.22 5.40 -20.18
CA GLU B 30 -13.70 6.35 -21.19
C GLU B 30 -15.21 6.27 -21.42
N GLU B 31 -15.79 5.06 -21.43
CA GLU B 31 -17.16 4.88 -21.95
C GLU B 31 -18.27 4.91 -20.91
N HIS B 32 -17.94 5.12 -19.66
CA HIS B 32 -18.97 5.23 -18.62
C HIS B 32 -18.82 6.57 -17.97
N ILE B 33 -19.96 7.12 -17.53
CA ILE B 33 -19.99 8.33 -16.70
C ILE B 33 -19.85 7.88 -15.27
N GLU B 34 -18.80 8.33 -14.62
CA GLU B 34 -18.50 7.87 -13.27
CA GLU B 34 -18.48 7.88 -13.27
C GLU B 34 -18.94 8.92 -12.25
N LEU B 35 -19.91 8.55 -11.40
CA LEU B 35 -20.46 9.44 -10.37
C LEU B 35 -20.25 8.87 -8.96
N ILE B 36 -19.42 7.83 -8.86
CA ILE B 36 -19.01 7.34 -7.54
C ILE B 36 -18.12 8.45 -6.93
N ALA B 37 -18.52 8.94 -5.77
CA ALA B 37 -17.96 10.19 -5.20
C ALA B 37 -16.50 10.08 -4.77
N SER B 38 -16.06 8.87 -4.57
CA SER B 38 -14.68 8.60 -4.27
C SER B 38 -13.78 8.36 -5.51
N GLU B 39 -14.30 8.41 -6.72
CA GLU B 39 -13.44 8.14 -7.88
CA GLU B 39 -13.52 8.13 -7.95
C GLU B 39 -12.96 9.39 -8.60
N ASN B 40 -11.80 9.26 -9.24
CA ASN B 40 -11.26 10.39 -9.99
C ASN B 40 -10.35 9.81 -11.05
N TYR B 41 -9.77 10.69 -11.85
CA TYR B 41 -8.85 10.30 -12.90
C TYR B 41 -7.54 10.99 -12.62
N THR B 42 -6.53 10.24 -12.20
CA THR B 42 -5.30 10.89 -11.81
C THR B 42 -4.49 11.34 -13.06
N SER B 43 -3.58 12.28 -12.91
CA SER B 43 -2.89 12.78 -14.08
C SER B 43 -1.85 11.78 -14.60
N PRO B 44 -1.47 11.95 -15.87
CA PRO B 44 -0.39 11.16 -16.40
C PRO B 44 0.94 11.30 -15.66
N ARG B 45 1.14 12.39 -14.95
CA ARG B 45 2.40 12.59 -14.24
C ARG B 45 2.41 11.69 -13.03
N VAL B 46 1.25 11.54 -12.41
CA VAL B 46 1.11 10.62 -11.29
C VAL B 46 1.39 9.19 -11.73
N MSE B 47 0.82 8.80 -12.85
CA MSE B 47 0.98 7.45 -13.37
C MSE B 47 2.44 7.23 -13.77
O MSE B 47 2.97 6.16 -13.52
CB MSE B 47 0.04 7.22 -14.53
CG MSE B 47 -1.44 7.18 -14.03
SE MSE B 47 -2.64 6.68 -15.43
CE MSE B 47 -2.77 8.28 -16.32
N GLN B 48 3.06 8.25 -14.33
CA GLN B 48 4.49 8.14 -14.73
C GLN B 48 5.40 7.85 -13.50
N ALA B 49 5.14 8.57 -12.42
CA ALA B 49 5.81 8.32 -11.14
C ALA B 49 5.55 6.90 -10.67
N GLN B 50 4.31 6.43 -10.75
CA GLN B 50 3.96 5.09 -10.26
C GLN B 50 4.59 3.97 -11.09
N GLY B 51 4.95 4.29 -12.33
CA GLY B 51 5.57 3.39 -13.24
C GLY B 51 7.07 3.44 -13.24
N SER B 52 7.64 4.18 -12.30
CA SER B 52 9.08 4.45 -12.32
C SER B 52 9.90 3.43 -11.51
N GLN B 53 11.22 3.56 -11.62
CA GLN B 53 12.16 2.72 -10.85
C GLN B 53 12.16 2.93 -9.37
N LEU B 54 11.47 3.99 -8.92
CA LEU B 54 11.34 4.26 -7.49
C LEU B 54 10.66 3.13 -6.75
N THR B 55 9.97 2.24 -7.47
CA THR B 55 9.43 1.01 -6.85
C THR B 55 10.55 0.13 -6.23
N ASN B 56 11.80 0.27 -6.71
CA ASN B 56 12.92 -0.50 -6.18
C ASN B 56 13.57 0.06 -4.93
N LYS B 57 13.20 1.25 -4.49
CA LYS B 57 13.86 1.91 -3.38
C LYS B 57 13.34 1.37 -2.05
N TYR B 58 14.28 1.13 -1.16
CA TYR B 58 14.09 0.36 0.06
C TYR B 58 13.59 1.23 1.18
N ASP B 75 14.15 9.86 -0.75
CA ASP B 75 14.09 10.76 0.45
C ASP B 75 14.07 12.27 0.20
N VAL B 76 14.89 12.81 -0.69
CA VAL B 76 14.54 14.08 -1.31
C VAL B 76 13.08 13.94 -1.85
N VAL B 77 12.75 12.80 -2.43
CA VAL B 77 11.39 12.58 -2.94
C VAL B 77 10.34 12.64 -1.81
N GLU B 78 10.55 11.93 -0.72
CA GLU B 78 9.69 12.05 0.41
C GLU B 78 9.59 13.50 0.97
N GLN B 79 10.72 14.18 1.08
CA GLN B 79 10.71 15.60 1.58
C GLN B 79 9.86 16.49 0.68
N LEU B 80 9.97 16.30 -0.63
CA LEU B 80 9.15 17.10 -1.55
C LEU B 80 7.64 16.89 -1.26
N ALA B 81 7.24 15.63 -1.09
CA ALA B 81 5.86 15.32 -0.76
C ALA B 81 5.44 15.94 0.56
N ILE B 82 6.25 15.74 1.60
CA ILE B 82 6.02 16.32 2.93
C ILE B 82 5.84 17.85 2.87
N ASP B 83 6.78 18.53 2.24
CA ASP B 83 6.74 19.99 2.15
C ASP B 83 5.47 20.45 1.40
N ARG B 84 5.12 19.77 0.33
CA ARG B 84 3.98 20.17 -0.49
C ARG B 84 2.67 19.88 0.24
N ALA B 85 2.61 18.80 0.98
CA ALA B 85 1.42 18.48 1.79
C ALA B 85 1.22 19.56 2.87
N LYS B 86 2.30 19.95 3.54
CA LYS B 86 2.24 20.97 4.56
C LYS B 86 1.82 22.31 3.97
N GLU B 87 2.35 22.65 2.81
CA GLU B 87 1.98 23.91 2.16
C GLU B 87 0.52 23.96 1.71
N LEU B 88 0.04 22.86 1.15
CA LEU B 88 -1.31 22.84 0.54
C LEU B 88 -2.33 22.96 1.64
N PHE B 89 -2.05 22.31 2.74
CA PHE B 89 -2.98 22.23 3.86
C PHE B 89 -2.70 23.19 5.02
N GLY B 90 -1.62 23.95 4.97
CA GLY B 90 -1.32 24.78 6.12
C GLY B 90 -1.01 24.04 7.40
N ALA B 91 -0.25 22.97 7.28
CA ALA B 91 0.14 22.16 8.42
C ALA B 91 1.62 22.34 8.73
N ASP B 92 2.03 22.05 9.95
CA ASP B 92 3.43 22.08 10.29
C ASP B 92 4.02 20.70 10.52
N TYR B 93 3.18 19.68 10.29
CA TYR B 93 3.58 18.28 10.26
C TYR B 93 2.87 17.54 9.11
N ALA B 94 3.63 16.75 8.36
CA ALA B 94 3.02 15.78 7.44
C ALA B 94 3.80 14.47 7.44
N ASN B 95 3.06 13.38 7.29
CA ASN B 95 3.63 12.09 7.06
C ASN B 95 3.00 11.56 5.78
N VAL B 96 3.84 11.26 4.78
CA VAL B 96 3.36 10.85 3.47
C VAL B 96 3.51 9.33 3.21
N GLN B 97 3.91 8.56 4.24
CA GLN B 97 4.24 7.15 4.13
C GLN B 97 3.06 6.17 4.08
N PRO B 98 1.88 6.53 4.64
CA PRO B 98 0.88 5.47 4.70
C PRO B 98 0.43 4.96 3.33
N HIS B 99 0.23 3.65 3.25
CA HIS B 99 -0.15 3.03 1.95
C HIS B 99 -1.57 3.33 1.57
N SER B 100 -2.39 3.77 2.55
CA SER B 100 -3.80 3.98 2.33
C SER B 100 -4.30 4.91 3.39
N GLY B 101 -5.50 5.43 3.14
CA GLY B 101 -6.20 6.23 4.13
C GLY B 101 -6.45 5.40 5.38
N SER B 102 -6.83 4.12 5.21
CA SER B 102 -7.06 3.24 6.36
C SER B 102 -5.82 3.07 7.24
N GLN B 103 -4.65 2.89 6.60
CA GLN B 103 -3.38 2.80 7.35
C GLN B 103 -3.04 4.11 8.05
N ALA B 104 -3.36 5.23 7.44
CA ALA B 104 -3.18 6.53 8.08
C ALA B 104 -4.02 6.60 9.34
N ASN B 105 -5.29 6.20 9.26
CA ASN B 105 -6.18 6.20 10.40
C ASN B 105 -5.69 5.29 11.54
N PHE B 106 -5.27 4.09 11.14
CA PHE B 106 -4.75 3.07 12.06
C PHE B 106 -3.52 3.60 12.82
N ALA B 107 -2.67 4.35 12.11
CA ALA B 107 -1.48 4.98 12.72
C ALA B 107 -1.89 5.95 13.82
N VAL B 108 -2.94 6.74 13.57
CA VAL B 108 -3.41 7.70 14.55
C VAL B 108 -3.96 6.99 15.78
N TYR B 109 -4.74 5.94 15.55
CA TYR B 109 -5.30 5.20 16.67
C TYR B 109 -4.20 4.57 17.53
N THR B 110 -3.23 3.94 16.88
CA THR B 110 -2.24 3.17 17.62
C THR B 110 -1.23 4.14 18.30
N ALA B 111 -1.08 5.34 17.73
CA ALA B 111 -0.23 6.37 18.29
C ALA B 111 -0.83 6.93 19.57
N LEU B 112 -2.13 7.19 19.56
CA LEU B 112 -2.73 7.94 20.66
C LEU B 112 -3.61 7.16 21.63
N LEU B 113 -4.09 5.97 21.23
CA LEU B 113 -5.01 5.22 22.06
C LEU B 113 -4.33 3.97 22.61
N GLN B 114 -4.88 3.48 23.73
CA GLN B 114 -4.57 2.16 24.24
C GLN B 114 -5.78 1.25 23.96
N PRO B 115 -5.53 -0.05 23.65
CA PRO B 115 -6.60 -1.04 23.51
C PRO B 115 -7.70 -0.90 24.55
N GLY B 116 -8.95 -1.02 24.09
CA GLY B 116 -10.11 -0.80 24.96
C GLY B 116 -10.46 0.64 25.31
N ASP B 117 -9.72 1.63 24.79
CA ASP B 117 -10.11 3.03 25.00
C ASP B 117 -11.45 3.27 24.30
N THR B 118 -12.20 4.25 24.78
CA THR B 118 -13.47 4.63 24.17
C THR B 118 -13.27 5.71 23.11
N VAL B 119 -13.94 5.55 21.97
CA VAL B 119 -13.88 6.50 20.84
C VAL B 119 -15.29 6.90 20.34
N LEU B 120 -15.47 8.15 19.92
CA LEU B 120 -16.77 8.63 19.40
C LEU B 120 -16.65 8.99 17.91
N GLY B 121 -17.51 8.43 17.04
CA GLY B 121 -17.43 8.68 15.57
C GLY B 121 -18.77 8.75 14.81
N MSE B 122 -18.76 9.28 13.58
CA MSE B 122 -20.02 9.52 12.80
C MSE B 122 -20.51 8.37 11.91
O MSE B 122 -19.69 7.70 11.26
CB MSE B 122 -19.89 10.73 11.84
CG MSE B 122 -21.19 10.91 10.95
SE MSE B 122 -21.51 12.51 9.81
CE MSE B 122 -23.20 11.95 9.00
N ASN B 123 -21.83 8.21 11.81
CA ASN B 123 -22.47 7.64 10.60
C ASN B 123 -23.95 7.94 10.40
N LEU B 142 -10.60 -3.53 18.88
CA LEU B 142 -9.56 -2.99 19.76
C LEU B 142 -10.09 -1.89 20.70
N TYR B 143 -11.04 -1.07 20.21
CA TYR B 143 -11.52 0.10 20.95
C TYR B 143 -13.03 0.12 21.12
N ASN B 144 -13.46 0.47 22.33
CA ASN B 144 -14.85 0.77 22.66
C ASN B 144 -15.40 1.97 21.86
N ILE B 145 -16.14 1.72 20.78
CA ILE B 145 -16.61 2.83 19.93
C ILE B 145 -18.07 3.20 20.21
N VAL B 146 -18.30 4.50 20.44
CA VAL B 146 -19.64 5.05 20.61
C VAL B 146 -19.97 5.80 19.31
N PRO B 147 -20.98 5.35 18.56
CA PRO B 147 -21.25 6.01 17.30
C PRO B 147 -22.23 7.16 17.46
N TYR B 148 -22.06 8.23 16.69
CA TYR B 148 -23.05 9.29 16.65
C TYR B 148 -23.72 9.28 15.28
N GLY B 149 -25.04 9.37 15.31
CA GLY B 149 -25.84 9.07 14.14
C GLY B 149 -26.66 10.25 13.67
N ILE B 150 -26.25 10.86 12.56
CA ILE B 150 -27.06 11.95 12.00
CA ILE B 150 -27.03 11.90 11.90
C ILE B 150 -28.49 11.47 11.70
N ASP B 151 -29.42 12.40 11.91
CA ASP B 151 -30.87 12.19 11.88
C ASP B 151 -31.43 12.09 10.46
N GLU B 152 -32.77 12.00 10.37
CA GLU B 152 -33.45 12.04 9.07
CA GLU B 152 -33.46 12.04 9.08
C GLU B 152 -33.30 13.42 8.41
N SER B 153 -33.10 14.44 9.24
CA SER B 153 -32.85 15.81 8.75
C SER B 153 -31.57 15.85 7.94
N GLY B 154 -30.73 14.85 8.12
CA GLY B 154 -29.47 14.79 7.39
C GLY B 154 -28.48 15.85 7.84
N LYS B 155 -28.68 16.40 9.04
CA LYS B 155 -27.76 17.41 9.59
C LYS B 155 -27.19 16.93 10.92
N ILE B 156 -25.91 17.23 11.14
CA ILE B 156 -25.23 16.86 12.38
C ILE B 156 -25.84 17.60 13.57
N ASP B 157 -26.15 16.86 14.64
CA ASP B 157 -26.68 17.45 15.87
C ASP B 157 -25.51 17.57 16.81
N TYR B 158 -24.96 18.78 16.93
CA TYR B 158 -23.82 19.00 17.81
C TYR B 158 -24.23 18.79 19.27
N ASP B 159 -25.48 19.07 19.61
CA ASP B 159 -25.95 18.82 20.97
C ASP B 159 -25.97 17.31 21.31
N GLU B 160 -26.28 16.47 20.34
CA GLU B 160 -26.30 15.02 20.59
C GLU B 160 -24.87 14.49 20.66
N MSE B 161 -24.01 15.01 19.77
CA MSE B 161 -22.59 14.67 19.83
C MSE B 161 -22.05 15.02 21.22
O MSE B 161 -21.35 14.22 21.83
CB MSE B 161 -21.79 15.42 18.78
CG MSE B 161 -20.36 14.97 18.68
SE MSE B 161 -19.43 16.22 17.54
CE MSE B 161 -20.36 15.83 15.87
N ALA B 162 -22.41 16.20 21.71
CA ALA B 162 -21.94 16.69 22.99
C ALA B 162 -22.45 15.79 24.11
N LYS B 163 -23.72 15.39 24.02
CA LYS B 163 -24.29 14.51 25.03
C LYS B 163 -23.48 13.21 25.18
N LEU B 164 -23.21 12.58 24.03
CA LEU B 164 -22.48 11.33 24.01
C LEU B 164 -21.07 11.52 24.53
N ALA B 165 -20.39 12.59 24.09
CA ALA B 165 -19.02 12.88 24.50
C ALA B 165 -18.89 13.15 25.97
N LYS B 166 -19.84 13.90 26.53
CA LYS B 166 -19.74 14.33 27.90
C LYS B 166 -20.20 13.25 28.89
N GLU B 167 -21.08 12.36 28.45
CA GLU B 167 -21.45 11.19 29.26
C GLU B 167 -20.39 10.09 29.27
N HIS B 168 -19.94 9.71 28.08
CA HIS B 168 -19.07 8.55 27.89
C HIS B 168 -17.56 8.84 28.02
N LYS B 169 -17.19 10.10 27.82
CA LYS B 169 -15.85 10.57 28.10
C LYS B 169 -14.79 9.79 27.28
N PRO B 170 -14.99 9.73 25.96
CA PRO B 170 -14.03 9.08 25.07
C PRO B 170 -12.70 9.77 25.11
N LYS B 171 -11.64 9.04 24.77
CA LYS B 171 -10.29 9.63 24.67
C LYS B 171 -10.09 10.41 23.38
N MSE B 172 -10.97 10.17 22.41
CA MSE B 172 -10.85 10.72 21.08
C MSE B 172 -12.21 10.83 20.41
O MSE B 172 -13.03 9.91 20.49
CB MSE B 172 -9.96 9.80 20.21
CG MSE B 172 -9.80 10.27 18.77
SE MSE B 172 -8.74 8.98 17.74
CE MSE B 172 -7.02 9.49 18.34
N ILE B 173 -12.44 11.96 19.73
CA ILE B 173 -13.62 12.17 18.91
C ILE B 173 -13.12 12.17 17.48
N ILE B 174 -13.75 11.37 16.62
CA ILE B 174 -13.37 11.24 15.24
C ILE B 174 -14.38 11.92 14.34
N GLY B 175 -13.93 12.87 13.57
CA GLY B 175 -14.80 13.58 12.65
C GLY B 175 -14.48 13.15 11.24
N GLY B 176 -15.42 13.38 10.33
CA GLY B 176 -15.27 12.97 8.94
C GLY B 176 -16.20 11.78 8.70
N PHE B 177 -17.02 11.90 7.65
CA PHE B 177 -17.92 10.80 7.24
C PHE B 177 -18.35 10.90 5.82
N SER B 178 -18.49 9.74 5.22
CA SER B 178 -18.39 9.53 3.81
C SER B 178 -19.55 9.95 2.93
N ALA B 179 -20.75 10.07 3.49
CA ALA B 179 -21.93 10.36 2.67
C ALA B 179 -22.59 11.67 3.12
N TYR B 180 -21.82 12.49 3.83
CA TYR B 180 -22.37 13.70 4.40
C TYR B 180 -22.16 14.88 3.47
N SER B 181 -23.24 15.53 3.07
CA SER B 181 -23.18 16.59 2.05
C SER B 181 -23.07 17.98 2.66
N GLY B 182 -23.14 18.08 3.99
CA GLY B 182 -23.14 19.36 4.67
C GLY B 182 -21.78 19.77 5.08
N VAL B 183 -21.69 20.97 5.61
CA VAL B 183 -20.41 21.48 6.17
C VAL B 183 -20.34 20.98 7.59
N VAL B 184 -19.15 20.76 8.10
CA VAL B 184 -18.99 20.33 9.46
C VAL B 184 -18.31 21.48 10.22
N ASP B 185 -18.81 21.80 11.42
CA ASP B 185 -18.21 22.84 12.26
C ASP B 185 -17.06 22.24 13.09
N TRP B 186 -15.87 22.22 12.48
CA TRP B 186 -14.70 21.58 13.12
C TRP B 186 -14.35 22.29 14.42
N ALA B 187 -14.51 23.60 14.43
CA ALA B 187 -14.28 24.41 15.64
C ALA B 187 -15.15 23.97 16.82
N LYS B 188 -16.42 23.74 16.56
CA LYS B 188 -17.32 23.24 17.57
C LYS B 188 -16.88 21.85 18.06
N MSE B 189 -16.49 20.98 17.14
CA MSE B 189 -16.05 19.64 17.57
C MSE B 189 -14.82 19.73 18.48
O MSE B 189 -14.66 18.92 19.40
CB MSE B 189 -15.76 18.73 16.38
CG MSE B 189 -16.98 18.44 15.49
SE MSE B 189 -16.67 16.99 14.16
CE MSE B 189 -16.41 15.50 15.34
N ARG B 190 -13.92 20.67 18.17
CA ARG B 190 -12.73 20.90 19.04
C ARG B 190 -13.17 21.39 20.43
N GLU B 191 -14.18 22.27 20.49
CA GLU B 191 -14.71 22.74 21.79
C GLU B 191 -15.24 21.58 22.61
N ILE B 192 -16.00 20.70 21.95
CA ILE B 192 -16.52 19.48 22.61
C ILE B 192 -15.38 18.60 23.10
N ALA B 193 -14.43 18.29 22.23
CA ALA B 193 -13.24 17.49 22.61
C ALA B 193 -12.50 18.16 23.80
N ASP B 194 -12.25 19.47 23.68
CA ASP B 194 -11.50 20.21 24.72
C ASP B 194 -12.23 20.15 26.07
N SER B 195 -13.55 20.17 26.02
CA SER B 195 -14.31 20.12 27.25
C SER B 195 -14.09 18.82 28.05
N ILE B 196 -13.75 17.72 27.37
CA ILE B 196 -13.56 16.43 28.06
C ILE B 196 -12.12 15.92 28.00
N GLY B 197 -11.21 16.75 27.53
CA GLY B 197 -9.79 16.40 27.46
C GLY B 197 -9.50 15.36 26.39
N ALA B 198 -10.30 15.32 25.32
CA ALA B 198 -10.19 14.28 24.28
C ALA B 198 -9.42 14.82 23.11
N TYR B 199 -8.80 13.92 22.36
CA TYR B 199 -8.23 14.31 21.07
C TYR B 199 -9.34 14.47 20.04
N LEU B 200 -9.19 15.42 19.11
CA LEU B 200 -10.05 15.52 17.96
C LEU B 200 -9.22 15.07 16.78
N PHE B 201 -9.64 13.97 16.18
CA PHE B 201 -9.06 13.44 14.94
C PHE B 201 -10.11 13.63 13.81
N VAL B 202 -9.69 14.27 12.74
CA VAL B 202 -10.54 14.38 11.59
C VAL B 202 -9.94 13.60 10.42
N ASP B 203 -10.74 12.70 9.87
CA ASP B 203 -10.43 12.02 8.62
C ASP B 203 -11.11 12.83 7.53
N MSE B 204 -10.31 13.54 6.75
CA MSE B 204 -10.86 14.43 5.75
C MSE B 204 -10.83 13.82 4.34
O MSE B 204 -11.04 14.53 3.35
CB MSE B 204 -10.16 15.78 5.81
CG MSE B 204 -8.81 15.80 5.30
SE MSE B 204 -8.07 17.63 5.23
CE MSE B 204 -6.22 17.00 4.92
N ALA B 205 -10.65 12.50 4.27
CA ALA B 205 -10.57 11.76 2.98
C ALA B 205 -11.68 12.12 2.01
N HIS B 206 -12.89 12.30 2.51
CA HIS B 206 -14.06 12.46 1.66
CA HIS B 206 -14.04 12.47 1.62
C HIS B 206 -14.23 13.88 1.14
N VAL B 207 -13.38 14.84 1.57
CA VAL B 207 -13.51 16.23 1.14
C VAL B 207 -12.16 16.97 0.96
N ALA B 208 -11.08 16.21 0.92
CA ALA B 208 -9.77 16.78 1.05
C ALA B 208 -9.44 17.79 -0.04
N GLY B 209 -9.84 17.52 -1.28
CA GLY B 209 -9.48 18.43 -2.37
C GLY B 209 -10.20 19.77 -2.23
N LEU B 210 -11.46 19.75 -1.78
CA LEU B 210 -12.17 20.97 -1.58
C LEU B 210 -11.52 21.77 -0.44
N ILE B 211 -11.13 21.08 0.63
CA ILE B 211 -10.40 21.72 1.74
C ILE B 211 -9.13 22.37 1.26
N ALA B 212 -8.39 21.65 0.42
CA ALA B 212 -7.10 22.13 -0.08
C ALA B 212 -7.28 23.42 -0.88
N ALA B 213 -8.37 23.52 -1.62
CA ALA B 213 -8.67 24.69 -2.47
C ALA B 213 -9.37 25.81 -1.71
N GLY B 214 -9.65 25.64 -0.44
CA GLY B 214 -10.27 26.70 0.37
C GLY B 214 -11.79 26.85 0.20
N VAL B 215 -12.48 25.84 -0.34
CA VAL B 215 -13.92 25.95 -0.60
C VAL B 215 -14.76 24.94 0.19
N TYR B 216 -14.20 24.50 1.32
CA TYR B 216 -14.90 23.71 2.32
C TYR B 216 -14.17 23.92 3.66
N PRO B 217 -14.90 23.92 4.81
CA PRO B 217 -14.23 24.22 6.07
C PRO B 217 -13.00 23.34 6.36
N ASN B 218 -11.93 24.02 6.74
CA ASN B 218 -10.66 23.43 6.98
C ASN B 218 -10.54 22.90 8.44
N PRO B 219 -10.29 21.60 8.63
CA PRO B 219 -10.17 21.00 9.94
C PRO B 219 -8.77 21.11 10.55
N VAL B 220 -7.77 21.36 9.71
CA VAL B 220 -6.38 21.39 10.18
C VAL B 220 -6.16 22.38 11.37
N PRO B 221 -6.75 23.59 11.35
CA PRO B 221 -6.55 24.46 12.52
C PRO B 221 -7.22 24.04 13.79
N HIS B 222 -8.10 23.05 13.72
CA HIS B 222 -8.98 22.72 14.85
C HIS B 222 -8.75 21.32 15.41
N ALA B 223 -8.31 20.40 14.55
CA ALA B 223 -8.04 19.04 14.99
C ALA B 223 -6.66 18.92 15.58
N HIS B 224 -6.47 17.95 16.47
CA HIS B 224 -5.13 17.57 16.95
C HIS B 224 -4.34 16.89 15.81
N VAL B 225 -5.03 16.16 14.98
CA VAL B 225 -4.44 15.37 13.93
C VAL B 225 -5.50 15.17 12.83
N VAL B 226 -5.06 15.13 11.56
CA VAL B 226 -5.95 14.94 10.47
C VAL B 226 -5.36 13.82 9.58
N THR B 227 -6.21 13.07 8.92
CA THR B 227 -5.75 12.17 7.85
C THR B 227 -6.55 12.37 6.56
N THR B 228 -6.00 11.85 5.47
CA THR B 228 -6.70 11.82 4.19
C THR B 228 -6.14 10.75 3.29
N THR B 229 -6.96 10.38 2.33
CA THR B 229 -6.49 9.70 1.13
C THR B 229 -5.98 10.74 0.14
N THR B 230 -5.26 10.29 -0.89
CA THR B 230 -4.68 11.17 -1.88
C THR B 230 -5.37 11.03 -3.24
N HIS B 231 -6.34 10.14 -3.36
CA HIS B 231 -6.98 9.90 -4.66
C HIS B 231 -8.43 10.31 -5.11
C HIS B 231 -8.25 10.70 -4.22
N LYS B 232 -9.19 10.90 -4.23
N LYS B 232 -9.39 10.36 -4.72
CA LYS B 232 -10.60 11.14 -4.48
C LYS B 232 -10.57 12.60 -4.95
N THR B 233 -11.03 13.54 -4.14
CA THR B 233 -11.11 14.93 -4.63
C THR B 233 -9.70 15.58 -4.79
N LEU B 234 -8.68 14.97 -4.22
CA LEU B 234 -7.31 15.42 -4.43
C LEU B 234 -6.76 14.98 -5.77
N ALA B 235 -7.40 13.99 -6.39
CA ALA B 235 -7.02 13.53 -7.74
C ALA B 235 -5.59 12.98 -7.92
N GLY B 236 -5.05 12.41 -6.86
CA GLY B 236 -3.68 11.93 -6.79
C GLY B 236 -3.67 10.40 -6.85
N PRO B 237 -2.57 9.80 -6.44
CA PRO B 237 -2.47 8.35 -6.41
C PRO B 237 -3.28 7.83 -5.25
N ARG B 238 -3.50 6.54 -5.22
CA ARG B 238 -4.12 5.93 -4.03
C ARG B 238 -3.05 5.86 -2.95
N GLY B 239 -3.38 6.26 -1.74
CA GLY B 239 -2.39 6.37 -0.70
C GLY B 239 -2.94 7.17 0.44
N GLY B 240 -2.19 7.21 1.54
CA GLY B 240 -2.60 7.99 2.72
C GLY B 240 -1.68 9.14 3.11
N LEU B 241 -2.20 10.01 3.98
CA LEU B 241 -1.44 11.16 4.51
CA LEU B 241 -1.44 11.16 4.48
C LEU B 241 -1.90 11.41 5.92
N ILE B 242 -0.97 11.77 6.79
CA ILE B 242 -1.27 12.30 8.12
C ILE B 242 -0.72 13.72 8.15
N LEU B 243 -1.50 14.65 8.70
CA LEU B 243 -1.14 16.04 8.84
C LEU B 243 -1.52 16.56 10.22
N ALA B 244 -0.82 17.59 10.68
CA ALA B 244 -1.19 18.21 11.94
C ALA B 244 -0.57 19.58 12.02
N LYS B 245 -1.12 20.41 12.88
CA LYS B 245 -0.43 21.64 13.21
C LYS B 245 -0.53 21.88 14.70
N GLY B 246 0.38 22.68 15.23
CA GLY B 246 0.24 23.09 16.64
C GLY B 246 0.62 22.05 17.67
N GLY B 247 1.23 20.95 17.23
CA GLY B 247 1.66 19.94 18.16
C GLY B 247 3.16 20.06 18.38
N ASP B 248 3.66 19.37 19.39
CA ASP B 248 5.10 19.34 19.61
C ASP B 248 5.73 18.13 18.95
N GLU B 249 7.06 18.09 18.95
CA GLU B 249 7.78 17.05 18.24
C GLU B 249 7.55 15.69 18.85
N GLU B 250 7.28 15.67 20.15
CA GLU B 250 6.93 14.45 20.83
C GLU B 250 5.71 13.80 20.18
N LEU B 251 4.64 14.56 19.95
CA LEU B 251 3.43 14.02 19.29
C LEU B 251 3.77 13.50 17.88
N TYR B 252 4.55 14.32 17.15
CA TYR B 252 4.88 14.03 15.77
C TYR B 252 5.74 12.78 15.64
N LYS B 253 6.67 12.60 16.57
CA LYS B 253 7.46 11.36 16.69
CA LYS B 253 7.45 11.37 16.66
C LYS B 253 6.55 10.14 16.92
N LYS B 254 5.52 10.29 17.76
CA LYS B 254 4.61 9.16 18.00
C LYS B 254 3.86 8.78 16.75
N LEU B 255 3.44 9.80 15.99
CA LEU B 255 2.70 9.54 14.79
C LEU B 255 3.61 8.83 13.77
N ASN B 256 4.85 9.33 13.58
CA ASN B 256 5.82 8.69 12.71
C ASN B 256 6.06 7.23 13.07
N SER B 257 6.30 6.96 14.34
CA SER B 257 6.56 5.59 14.82
CA SER B 257 6.57 5.59 14.83
C SER B 257 5.39 4.65 14.58
N ALA B 258 4.20 5.19 14.59
CA ALA B 258 3.00 4.37 14.46
C ALA B 258 2.69 3.93 13.01
N VAL B 259 3.27 4.59 12.00
CA VAL B 259 2.84 4.31 10.60
C VAL B 259 3.07 2.84 10.13
N PHE B 260 4.27 2.36 10.36
CA PHE B 260 4.60 0.96 10.19
C PHE B 260 4.71 0.24 11.56
N PRO B 261 3.73 -0.62 11.86
CA PRO B 261 3.70 -1.31 13.15
C PRO B 261 4.79 -2.41 13.32
N GLY B 265 6.17 -1.87 7.01
CA GLY B 265 7.51 -1.85 6.48
C GLY B 265 7.71 -0.55 5.73
N GLY B 266 8.42 -0.60 4.65
CA GLY B 266 8.77 0.61 4.00
C GLY B 266 7.64 1.24 3.20
N PRO B 267 7.80 2.51 2.90
CA PRO B 267 6.89 3.21 2.02
C PRO B 267 7.02 2.77 0.56
N LEU B 268 5.98 3.04 -0.22
CA LEU B 268 5.99 2.85 -1.67
C LEU B 268 6.60 4.12 -2.30
N MSE B 269 7.90 4.19 -2.58
CA MSE B 269 8.46 5.50 -2.95
C MSE B 269 8.00 6.06 -4.32
O MSE B 269 7.98 7.28 -4.55
CB MSE B 269 9.97 5.45 -2.93
CG MSE B 269 10.55 5.23 -1.55
SE MSE B 269 10.13 6.78 -0.39
CE MSE B 269 10.24 8.13 -1.58
N HIS B 270 7.66 5.15 -5.23
CA HIS B 270 7.02 5.50 -6.49
C HIS B 270 5.65 6.15 -6.29
N VAL B 271 4.87 5.63 -5.34
CA VAL B 271 3.61 6.27 -4.96
C VAL B 271 3.84 7.62 -4.29
N ILE B 272 4.87 7.71 -3.46
CA ILE B 272 5.19 8.95 -2.80
C ILE B 272 5.63 10.01 -3.81
N ALA B 273 6.36 9.61 -4.86
CA ALA B 273 6.66 10.51 -5.97
C ALA B 273 5.36 10.98 -6.64
N GLY B 274 4.42 10.05 -6.79
CA GLY B 274 3.09 10.35 -7.27
C GLY B 274 2.37 11.38 -6.40
N LYS B 275 2.48 11.18 -5.09
CA LYS B 275 1.93 12.15 -4.14
C LYS B 275 2.57 13.53 -4.33
N ALA B 276 3.90 13.59 -4.47
CA ALA B 276 4.59 14.86 -4.63
C ALA B 276 4.06 15.63 -5.85
N VAL B 277 3.94 14.96 -7.00
CA VAL B 277 3.53 15.65 -8.19
C VAL B 277 2.05 16.00 -8.17
N ALA B 278 1.21 15.12 -7.62
CA ALA B 278 -0.21 15.42 -7.38
C ALA B 278 -0.44 16.61 -6.46
N LEU B 279 0.41 16.75 -5.43
CA LEU B 279 0.27 17.84 -4.51
C LEU B 279 0.69 19.17 -5.17
N LYS B 280 1.73 19.14 -5.99
CA LYS B 280 2.12 20.28 -6.78
C LYS B 280 1.02 20.67 -7.74
N GLU B 281 0.40 19.69 -8.37
CA GLU B 281 -0.71 20.00 -9.31
C GLU B 281 -1.84 20.68 -8.56
N ALA B 282 -2.07 20.24 -7.32
CA ALA B 282 -3.15 20.78 -6.50
C ALA B 282 -2.88 22.22 -6.06
N MSE B 283 -1.63 22.67 -6.13
CA MSE B 283 -1.29 24.05 -5.78
CA MSE B 283 -1.34 24.06 -5.79
C MSE B 283 -1.45 25.01 -6.96
O MSE B 283 -1.26 26.19 -6.80
CB MSE B 283 0.15 24.14 -5.22
CB MSE B 283 0.04 24.16 -5.17
CG MSE B 283 0.37 23.37 -3.92
CG MSE B 283 0.14 23.27 -4.02
SE MSE B 283 2.31 23.14 -3.45
SE MSE B 283 1.29 24.00 -2.71
CE MSE B 283 3.10 22.90 -5.22
CE MSE B 283 2.27 22.34 -2.35
N GLU B 284 -1.80 24.49 -8.14
CA GLU B 284 -2.01 25.35 -9.31
C GLU B 284 -3.35 26.10 -9.17
N PRO B 285 -3.42 27.37 -9.65
CA PRO B 285 -4.73 28.05 -9.59
C PRO B 285 -5.82 27.30 -10.29
N GLU B 286 -5.49 26.56 -11.37
CA GLU B 286 -6.50 25.75 -12.04
C GLU B 286 -7.18 24.71 -11.16
N PHE B 287 -6.47 24.24 -10.14
CA PHE B 287 -7.06 23.25 -9.24
C PHE B 287 -8.18 23.86 -8.41
N LYS B 288 -8.00 25.09 -7.97
CA LYS B 288 -9.10 25.75 -7.26
C LYS B 288 -10.29 25.98 -8.19
N VAL B 289 -10.02 26.36 -9.42
CA VAL B 289 -11.10 26.50 -10.38
C VAL B 289 -11.85 25.20 -10.56
N TYR B 290 -11.11 24.11 -10.67
CA TYR B 290 -11.66 22.78 -10.72
C TYR B 290 -12.57 22.49 -9.56
N GLN B 291 -12.07 22.74 -8.34
CA GLN B 291 -12.91 22.44 -7.20
C GLN B 291 -14.17 23.32 -7.09
N GLN B 292 -14.07 24.58 -7.53
CA GLN B 292 -15.21 25.41 -7.60
C GLN B 292 -16.25 24.83 -8.58
N GLN B 293 -15.78 24.32 -9.72
CA GLN B 293 -16.67 23.69 -10.66
C GLN B 293 -17.27 22.38 -10.11
N VAL B 294 -16.50 21.65 -9.32
CA VAL B 294 -16.98 20.42 -8.65
C VAL B 294 -18.21 20.75 -7.76
N ALA B 295 -18.05 21.78 -6.93
CA ALA B 295 -19.07 22.21 -6.00
C ALA B 295 -20.31 22.74 -6.78
N LYS B 296 -20.07 23.52 -7.80
CA LYS B 296 -21.17 24.09 -8.60
CA LYS B 296 -21.15 24.10 -8.63
C LYS B 296 -21.94 22.98 -9.31
N ASN B 297 -21.23 22.03 -9.90
CA ASN B 297 -21.87 20.91 -10.58
C ASN B 297 -22.70 20.05 -9.63
N ALA B 298 -22.19 19.81 -8.42
CA ALA B 298 -22.97 19.02 -7.45
C ALA B 298 -24.27 19.73 -7.11
N LYS B 299 -24.21 21.04 -6.86
CA LYS B 299 -25.40 21.81 -6.57
C LYS B 299 -26.39 21.81 -7.75
N ALA B 300 -25.86 21.92 -8.94
CA ALA B 300 -26.69 21.87 -10.15
C ALA B 300 -27.45 20.53 -10.31
N MSE B 301 -26.79 19.41 -9.99
CA MSE B 301 -27.43 18.12 -10.15
C MSE B 301 -28.50 18.00 -9.07
O MSE B 301 -29.60 17.51 -9.35
CB MSE B 301 -26.42 16.99 -10.00
CG MSE B 301 -25.42 16.97 -11.17
SE MSE B 301 -24.22 15.45 -11.00
CE MSE B 301 -25.41 14.14 -11.67
N VAL B 302 -28.18 18.47 -7.87
CA VAL B 302 -29.14 18.48 -6.78
C VAL B 302 -30.44 19.17 -7.15
N GLU B 303 -30.33 20.34 -7.76
CA GLU B 303 -31.51 21.09 -8.14
C GLU B 303 -32.39 20.31 -9.11
N VAL B 304 -31.78 19.60 -10.05
CA VAL B 304 -32.58 18.74 -11.01
C VAL B 304 -33.34 17.62 -10.27
N PHE B 305 -32.65 16.89 -9.36
CA PHE B 305 -33.27 15.78 -8.65
C PHE B 305 -34.44 16.31 -7.83
N LEU B 306 -34.22 17.41 -7.16
CA LEU B 306 -35.29 18.03 -6.33
C LEU B 306 -36.49 18.43 -7.18
N ASN B 307 -36.20 19.07 -8.31
CA ASN B 307 -37.23 19.52 -9.25
C ASN B 307 -37.93 18.39 -10.01
N ARG B 308 -37.40 17.17 -9.95
CA ARG B 308 -37.95 15.96 -10.57
C ARG B 308 -38.62 15.05 -9.56
N GLY B 309 -38.74 15.55 -8.33
CA GLY B 309 -39.52 14.88 -7.28
C GLY B 309 -38.74 13.84 -6.49
N TYR B 310 -37.40 13.93 -6.50
CA TYR B 310 -36.55 13.06 -5.67
C TYR B 310 -36.15 13.78 -4.40
N LYS B 311 -35.99 13.01 -3.33
CA LYS B 311 -35.58 13.54 -2.06
C LYS B 311 -34.07 13.41 -1.91
N VAL B 312 -33.44 14.50 -1.50
CA VAL B 312 -32.00 14.58 -1.26
C VAL B 312 -31.78 14.69 0.25
N VAL B 313 -31.00 13.76 0.81
CA VAL B 313 -30.75 13.78 2.25
C VAL B 313 -30.13 15.15 2.61
N SER B 314 -30.68 15.77 3.66
CA SER B 314 -30.31 17.14 4.10
CA SER B 314 -30.33 17.14 4.10
C SER B 314 -30.89 18.26 3.26
N GLY B 315 -31.51 17.92 2.13
CA GLY B 315 -32.18 18.88 1.27
C GLY B 315 -31.29 19.59 0.27
N GLY B 316 -30.00 19.20 0.22
CA GLY B 316 -29.07 19.83 -0.69
C GLY B 316 -27.66 19.39 -0.42
N THR B 317 -26.71 20.06 -1.08
CA THR B 317 -25.31 19.83 -0.81
C THR B 317 -24.52 21.10 -0.57
N GLU B 318 -23.48 20.97 0.28
CA GLU B 318 -22.46 22.00 0.45
C GLU B 318 -21.08 21.51 0.04
N ASN B 319 -21.01 20.44 -0.74
CA ASN B 319 -19.73 19.92 -1.19
C ASN B 319 -19.90 19.25 -2.55
N HIS B 320 -19.19 18.17 -2.78
CA HIS B 320 -19.13 17.51 -4.08
C HIS B 320 -20.09 16.32 -4.23
N LEU B 321 -20.79 15.96 -3.18
CA LEU B 321 -21.61 14.78 -3.20
C LEU B 321 -22.98 14.98 -2.58
N PHE B 322 -23.85 14.00 -2.81
CA PHE B 322 -25.16 14.00 -2.17
C PHE B 322 -25.75 12.61 -2.18
N LEU B 323 -26.77 12.40 -1.37
CA LEU B 323 -27.40 11.09 -1.23
C LEU B 323 -28.86 11.25 -1.63
N LEU B 324 -29.33 10.45 -2.57
CA LEU B 324 -30.73 10.41 -2.90
C LEU B 324 -31.38 9.40 -2.00
N ASP B 325 -32.52 9.78 -1.41
CA ASP B 325 -33.31 8.91 -0.57
C ASP B 325 -34.50 8.41 -1.36
N LEU B 326 -34.45 7.13 -1.70
CA LEU B 326 -35.41 6.52 -2.61
C LEU B 326 -36.54 5.82 -1.89
N VAL B 327 -36.62 5.99 -0.57
CA VAL B 327 -37.65 5.30 0.18
C VAL B 327 -39.05 5.57 -0.41
N ASP B 328 -39.34 6.84 -0.69
CA ASP B 328 -40.66 7.23 -1.20
C ASP B 328 -40.96 6.77 -2.62
N LYS B 329 -39.97 6.22 -3.32
CA LYS B 329 -40.12 5.67 -4.65
C LYS B 329 -40.24 4.13 -4.63
N ASN B 330 -40.20 3.49 -3.45
CA ASN B 330 -40.15 2.00 -3.38
C ASN B 330 -38.97 1.48 -4.21
N LEU B 331 -37.84 2.15 -4.14
CA LEU B 331 -36.68 1.65 -4.79
C LEU B 331 -35.59 1.38 -3.81
N THR B 332 -34.82 0.34 -4.11
CA THR B 332 -33.60 0.06 -3.36
C THR B 332 -32.40 0.72 -4.04
N GLY B 333 -31.39 1.02 -3.24
CA GLY B 333 -30.17 1.58 -3.80
C GLY B 333 -29.54 0.60 -4.76
N LYS B 334 -29.54 -0.70 -4.39
CA LYS B 334 -28.97 -1.75 -5.22
C LYS B 334 -29.63 -1.77 -6.63
N GLU B 335 -30.95 -1.70 -6.67
CA GLU B 335 -31.66 -1.75 -7.95
C GLU B 335 -31.45 -0.46 -8.77
N ALA B 336 -31.38 0.65 -8.07
CA ALA B 336 -31.13 1.95 -8.74
C ALA B 336 -29.74 1.97 -9.37
N ASP B 337 -28.77 1.52 -8.60
CA ASP B 337 -27.38 1.33 -9.07
C ASP B 337 -27.35 0.47 -10.35
N ALA B 338 -28.04 -0.67 -10.33
CA ALA B 338 -28.05 -1.58 -11.46
C ALA B 338 -28.73 -0.92 -12.69
N ALA B 339 -29.85 -0.22 -12.47
CA ALA B 339 -30.60 0.40 -13.56
C ALA B 339 -29.74 1.47 -14.22
N LEU B 340 -29.11 2.29 -13.40
CA LEU B 340 -28.26 3.35 -13.96
C LEU B 340 -27.07 2.74 -14.69
N GLY B 341 -26.48 1.66 -14.14
CA GLY B 341 -25.38 0.96 -14.80
C GLY B 341 -25.71 0.45 -16.17
N ARG B 342 -26.98 0.11 -16.39
CA ARG B 342 -27.41 -0.33 -17.72
C ARG B 342 -27.30 0.79 -18.72
N ALA B 343 -27.31 2.04 -18.25
CA ALA B 343 -27.22 3.17 -19.17
C ALA B 343 -25.82 3.79 -19.11
N ASN B 344 -24.85 3.02 -18.61
CA ASN B 344 -23.43 3.42 -18.51
C ASN B 344 -23.19 4.59 -17.53
N ILE B 345 -24.03 4.66 -16.51
CA ILE B 345 -23.86 5.68 -15.45
C ILE B 345 -23.60 4.90 -14.16
N THR B 346 -22.44 5.15 -13.57
CA THR B 346 -21.94 4.43 -12.39
C THR B 346 -22.15 5.24 -11.11
N VAL B 347 -22.93 4.68 -10.18
CA VAL B 347 -23.16 5.26 -8.84
C VAL B 347 -22.93 4.18 -7.82
N ASN B 348 -23.06 4.47 -6.54
CA ASN B 348 -23.03 3.39 -5.60
C ASN B 348 -24.17 3.50 -4.65
N LYS B 349 -24.65 2.37 -4.20
CA LYS B 349 -25.73 2.33 -3.22
C LYS B 349 -25.21 2.87 -1.90
N ASN B 350 -26.12 3.36 -1.05
CA ASN B 350 -25.76 3.91 0.26
C ASN B 350 -27.02 3.93 1.14
N SER B 351 -26.86 3.52 2.40
CA SER B 351 -27.95 3.63 3.36
C SER B 351 -28.36 5.09 3.59
N VAL B 352 -29.64 5.30 3.82
CA VAL B 352 -30.12 6.61 4.25
C VAL B 352 -30.40 6.55 5.76
N PRO B 353 -30.65 7.70 6.38
CA PRO B 353 -31.00 7.65 7.82
C PRO B 353 -32.27 6.87 8.05
N ASN B 354 -32.26 6.00 9.05
CA ASN B 354 -33.40 5.13 9.39
C ASN B 354 -33.80 4.25 8.21
N ASP B 355 -32.82 3.77 7.47
CA ASP B 355 -33.12 3.01 6.24
C ASP B 355 -33.94 1.77 6.61
N PRO B 356 -35.10 1.56 5.96
CA PRO B 356 -35.87 0.36 6.26
C PRO B 356 -35.23 -0.87 5.65
N LYS B 357 -34.30 -0.69 4.70
CA LYS B 357 -33.61 -1.80 4.07
C LYS B 357 -32.24 -2.14 4.67
N SER B 358 -31.83 -3.38 4.46
CA SER B 358 -30.50 -3.83 4.83
C SER B 358 -29.38 -2.94 4.28
N PRO B 359 -28.19 -2.95 4.93
CA PRO B 359 -27.04 -2.21 4.39
C PRO B 359 -26.51 -2.81 3.09
N PHE B 360 -26.87 -4.05 2.82
CA PHE B 360 -26.51 -4.69 1.57
C PHE B 360 -27.52 -4.40 0.46
N VAL B 361 -28.62 -3.71 0.79
CA VAL B 361 -29.66 -3.43 -0.17
C VAL B 361 -29.81 -1.90 -0.29
N THR B 362 -30.12 -1.27 0.83
CA THR B 362 -30.23 0.18 1.02
C THR B 362 -31.40 0.81 0.30
N SER B 363 -31.70 2.05 0.67
CA SER B 363 -32.74 2.86 -0.01
C SER B 363 -32.17 4.11 -0.60
N GLY B 364 -30.86 4.17 -0.79
CA GLY B 364 -30.23 5.38 -1.33
C GLY B 364 -29.12 5.14 -2.34
N ILE B 365 -28.80 6.17 -3.08
CA ILE B 365 -27.57 6.19 -3.86
C ILE B 365 -26.80 7.46 -3.60
N ARG B 366 -25.49 7.32 -3.59
CA ARG B 366 -24.57 8.40 -3.40
C ARG B 366 -23.99 8.77 -4.69
N ILE B 367 -24.02 10.06 -4.99
CA ILE B 367 -23.57 10.63 -6.26
C ILE B 367 -22.52 11.75 -5.96
N GLY B 368 -21.43 11.76 -6.71
CA GLY B 368 -20.44 12.82 -6.61
C GLY B 368 -20.02 13.33 -7.96
N SER B 369 -19.70 14.64 -8.04
CA SER B 369 -19.22 15.29 -9.26
C SER B 369 -17.70 15.35 -9.55
N PRO B 370 -16.79 14.82 -8.69
CA PRO B 370 -15.36 15.05 -9.02
C PRO B 370 -14.90 14.50 -10.38
N ALA B 371 -15.32 13.29 -10.74
CA ALA B 371 -14.81 12.63 -11.94
C ALA B 371 -15.39 13.26 -13.21
N VAL B 372 -16.70 13.48 -13.24
CA VAL B 372 -17.27 14.15 -14.42
C VAL B 372 -16.72 15.55 -14.62
N THR B 373 -16.46 16.24 -13.52
CA THR B 373 -15.91 17.56 -13.61
C THR B 373 -14.45 17.50 -14.14
N ARG B 374 -13.72 16.48 -13.70
CA ARG B 374 -12.32 16.31 -14.10
C ARG B 374 -12.24 16.19 -15.60
N ARG B 375 -13.16 15.43 -16.20
CA ARG B 375 -13.12 15.23 -17.64
C ARG B 375 -13.79 16.33 -18.44
N GLY B 376 -14.29 17.37 -17.77
CA GLY B 376 -14.69 18.61 -18.47
C GLY B 376 -16.14 19.00 -18.40
N PHE B 377 -16.97 18.24 -17.70
CA PHE B 377 -18.40 18.58 -17.61
C PHE B 377 -18.57 19.84 -16.78
N LYS B 378 -19.41 20.76 -17.26
CA LYS B 378 -19.78 21.95 -16.51
C LYS B 378 -21.31 21.86 -16.18
N GLU B 379 -21.93 22.96 -15.83
CA GLU B 379 -23.27 22.88 -15.23
C GLU B 379 -24.27 22.32 -16.22
N ALA B 380 -24.19 22.80 -17.46
CA ALA B 380 -25.13 22.39 -18.47
C ALA B 380 -25.09 20.88 -18.68
N GLU B 381 -23.90 20.30 -18.75
CA GLU B 381 -23.78 18.86 -18.94
C GLU B 381 -24.28 18.05 -17.77
N VAL B 382 -23.96 18.46 -16.54
CA VAL B 382 -24.40 17.74 -15.38
C VAL B 382 -25.91 17.83 -15.16
N LYS B 383 -26.49 18.95 -15.55
CA LYS B 383 -27.95 19.11 -15.47
C LYS B 383 -28.64 18.15 -16.42
N GLU B 384 -28.13 18.04 -17.65
CA GLU B 384 -28.67 17.10 -18.61
CA GLU B 384 -28.67 17.10 -18.63
C GLU B 384 -28.54 15.66 -18.09
N LEU B 385 -27.36 15.34 -17.54
CA LEU B 385 -27.08 14.04 -16.98
C LEU B 385 -28.08 13.71 -15.89
N ALA B 386 -28.26 14.65 -14.97
CA ALA B 386 -29.18 14.40 -13.87
C ALA B 386 -30.63 14.16 -14.37
N GLY B 387 -31.03 14.85 -15.46
CA GLY B 387 -32.34 14.61 -16.06
C GLY B 387 -32.45 13.20 -16.61
N TRP B 388 -31.42 12.76 -17.32
CA TRP B 388 -31.42 11.38 -17.83
C TRP B 388 -31.52 10.38 -16.69
N MSE B 389 -30.86 10.67 -15.57
CA MSE B 389 -30.88 9.74 -14.43
C MSE B 389 -32.29 9.64 -13.87
O MSE B 389 -32.76 8.53 -13.51
CB MSE B 389 -29.86 10.12 -13.37
CG MSE B 389 -28.42 10.03 -13.85
SE MSE B 389 -27.19 10.88 -12.66
CE MSE B 389 -27.36 9.57 -11.30
N CYS B 390 -32.98 10.79 -13.80
CA CYS B 390 -34.39 10.85 -13.36
C CYS B 390 -35.32 10.11 -14.35
N ASP B 391 -35.04 10.23 -15.65
CA ASP B 391 -35.76 9.51 -16.67
C ASP B 391 -35.66 7.99 -16.43
N VAL B 392 -34.45 7.47 -16.13
CA VAL B 392 -34.26 6.02 -15.84
C VAL B 392 -35.01 5.62 -14.56
N LEU B 393 -34.76 6.35 -13.48
CA LEU B 393 -35.29 5.97 -12.18
C LEU B 393 -36.81 6.13 -12.10
N ASP B 394 -37.35 7.04 -12.91
CA ASP B 394 -38.79 7.18 -13.01
C ASP B 394 -39.49 5.92 -13.57
N ASN B 395 -38.78 5.16 -14.40
CA ASN B 395 -39.36 3.99 -15.05
C ASN B 395 -38.27 3.03 -15.41
N ILE B 396 -37.79 2.36 -14.38
CA ILE B 396 -36.63 1.48 -14.50
CA ILE B 396 -36.62 1.51 -14.51
C ILE B 396 -36.84 0.38 -15.53
N ASN B 397 -38.07 -0.04 -15.71
CA ASN B 397 -38.33 -1.14 -16.65
C ASN B 397 -38.59 -0.72 -18.08
N ASP B 398 -38.46 0.58 -18.35
CA ASP B 398 -38.71 1.09 -19.70
C ASP B 398 -37.41 0.98 -20.48
N GLU B 399 -37.27 -0.11 -21.21
CA GLU B 399 -36.02 -0.35 -21.94
C GLU B 399 -35.77 0.74 -22.98
N ALA B 400 -36.83 1.32 -23.55
CA ALA B 400 -36.68 2.38 -24.55
C ALA B 400 -35.90 3.56 -23.92
N THR B 401 -36.23 3.85 -22.67
CA THR B 401 -35.58 4.95 -21.98
C THR B 401 -34.14 4.58 -21.68
N ILE B 402 -33.92 3.36 -21.20
CA ILE B 402 -32.56 2.89 -20.88
C ILE B 402 -31.69 3.01 -22.11
N GLU B 403 -32.18 2.52 -23.25
CA GLU B 403 -31.39 2.57 -24.50
C GLU B 403 -31.16 3.97 -25.05
N ARG B 404 -32.14 4.84 -24.91
CA ARG B 404 -32.01 6.24 -25.31
CA ARG B 404 -31.97 6.22 -25.36
C ARG B 404 -30.90 6.91 -24.50
N VAL B 405 -30.98 6.74 -23.18
CA VAL B 405 -30.00 7.35 -22.23
C VAL B 405 -28.60 6.79 -22.48
N LYS B 406 -28.51 5.46 -22.61
CA LYS B 406 -27.22 4.83 -22.94
C LYS B 406 -26.54 5.45 -24.16
N ALA B 407 -27.29 5.63 -25.23
CA ALA B 407 -26.71 6.21 -26.45
C ALA B 407 -26.20 7.66 -26.21
N LYS B 408 -26.99 8.44 -25.47
CA LYS B 408 -26.61 9.82 -25.13
CA LYS B 408 -26.62 9.82 -25.13
C LYS B 408 -25.37 9.84 -24.27
N VAL B 409 -25.31 8.91 -23.31
CA VAL B 409 -24.14 8.74 -22.46
C VAL B 409 -22.89 8.43 -23.25
N LEU B 410 -22.98 7.50 -24.18
CA LEU B 410 -21.83 7.17 -24.98
C LEU B 410 -21.37 8.32 -25.88
N ASP B 411 -22.33 9.04 -26.51
CA ASP B 411 -22.00 10.24 -27.31
C ASP B 411 -21.28 11.27 -26.43
N ILE B 412 -21.75 11.44 -25.20
CA ILE B 412 -21.19 12.46 -24.31
CA ILE B 412 -21.17 12.50 -24.40
C ILE B 412 -19.79 12.07 -23.86
N CYS B 413 -19.63 10.81 -23.46
CA CYS B 413 -18.31 10.28 -23.13
C CYS B 413 -17.32 10.44 -24.29
N ALA B 414 -17.77 10.22 -25.52
CA ALA B 414 -16.88 10.30 -26.68
C ALA B 414 -16.32 11.70 -26.88
N ARG B 415 -17.08 12.74 -26.49
CA ARG B 415 -16.65 14.12 -26.70
CA ARG B 415 -16.59 14.10 -26.70
C ARG B 415 -15.96 14.71 -25.45
N PHE B 416 -15.91 13.92 -24.35
CA PHE B 416 -15.16 14.29 -23.14
C PHE B 416 -14.13 13.20 -22.82
N PRO B 417 -13.21 12.95 -23.74
CA PRO B 417 -12.21 11.91 -23.43
C PRO B 417 -11.38 12.29 -22.19
N VAL B 418 -11.04 11.28 -21.37
CA VAL B 418 -10.34 11.55 -20.10
C VAL B 418 -8.85 11.80 -20.40
N TYR B 419 -8.28 10.89 -21.19
CA TYR B 419 -6.87 10.89 -21.56
C TYR B 419 -6.71 10.90 -23.08
N ALA B 420 -5.64 11.53 -23.54
CA ALA B 420 -5.29 11.51 -24.96
C ALA B 420 -3.79 11.63 -25.04
C ACT C . 0.54 13.58 22.86
O ACT C . 1.80 13.58 22.93
OXT ACT C . 0.02 12.44 22.75
CH3 ACT C . -0.29 14.83 22.89
#